data_8JWG
#
_entry.id   8JWG
#
loop_
_entity.id
_entity.type
_entity.pdbx_description
1 polymer 'Multidrug resistance protein 1'
2 non-polymer '(11R,12S)- Mefloquine'
#
_entity_poly.entity_id   1
_entity_poly.type   'polypeptide(L)'
_entity_poly.pdbx_seq_one_letter_code
;GGGGSMGKEQKEKKDGNLSIKEEVEKELNKKSTAELFRKIKNEKISFFLPFKCLPAQHRKLLFISFVCAVLSGGTLPFFI
SVFGVILKNMNLGDDINPIILSLVSIGLVQFILSMISSYCMDVITSKILKTLKLEYLRSVFYQDGQFHDNNPGSKLRSDL
DFYLEQVSSGIGTKFITIFTYASSFLGLYIWSLIKNARLTLCITCVFPLIYVCGVICNKKVKLNKKTSLLYNNNTMSIIE
EALMGIRTVASYCGEKTILNKFNLSETFYSKYILKANFVEALHIGLINGLILVSYAFGFWYGTRIIINSATNQYPNNDFN
GASVISILLGVLISMFMLTIILPNITEYMKALEATNSLYEIINRKPLVENNDDGETLPNIKKIEFKNVRFHYDTRKDVEI
YKDLSFTLKEGKTYAFVGESGCGKSTILKLIERLYDPTEGDIIVNDSHNLKDINLKWWRSKIGVVSQDPLLFSNSIKNNI
KYSLYSLKDLEAMENYYEENTNDTYENKNFSLISNSMTSNELLEMKKEYQTIKDSDVVDVSKKVLIHDFVSSLPDKYDTL
VGSNASKLSGGQKQRISIARAIMRNPKILILDEATSSLDNKSEYLVQKTINNLKGNENRITIIIAHRLSTIRYANTIFVL
SNRERSDNNNNNNNDDNNNNNNNNNNKINNEGSYIIEQGTHDSLMKNKNGIYHLMINNQKISSNKSSNNGNDNGSDNKSS
AYKDSDTGNDADNMNSLSIHENENISNNRNCKNTAENEKEEKVPFFKRMFRRKKKAPNNLRIIYKEIFSYKKDVTIIFFS
ILVAGGLYPVFALLYARYVSTLFDFANLEYNSNKYSIYILLIAIAMFISETLKNYYNNKIGEKVEKTMKRRLFENILYQE
MSFFDQDKNTPGVLSAHINRDVHLLKTGLVNNIVIFSHFIMLFLVSMVMSFYFCPIVAAVLTFIYFINMRVFAVRARLTK
SKEIEKKENMSSGVFAFSSDDEMFKDPSFLIQEAFYNMHTVINYGLEDYFCNLIEKAIDYKNKGQKRRIIVNAALWGFSQ
SAQLFINSFAYWFGSFLIKRGTILVDDFMKSLFTFIFTGSYAGKLMSLKGDSENAKLSFEKYYPLMIRKSNIDVRDDGGI
RINKNLIKGKVDIKDVNFRYISRPNVPIYKNLSFTCDSKKTTAIVGETGSGKSTFMNLLLRFYDLKNDHIILKNDMTNFQ
DYQNNNNNSLVLKNVNEFSNQSGSAEDYTVFNNNGEILLDDINICDYNLRDLRNLFSIVSQEPMLFNMSIYENIKFGRED
ATLEDVKRVSKFAAIDEFIESLPNKYDTNVGPYGKSLSGGQKQRIAIARALLREPKILLLDEATSSLDSNSEKLIEKTIV
DIKDKADKTIITIAHRIASIKRSDKIVVFNNPDRNGTFVQSHGTHDELLSAQDGIYKKYVKLAK
;
_entity_poly.pdbx_strand_id   A
#
loop_
_chem_comp.id
_chem_comp.type
_chem_comp.name
_chem_comp.formula
YMZ non-polymer '(11R,12S)- Mefloquine' 'C17 H16 F6 N2 O'
#
# COMPACT_ATOMS: atom_id res chain seq x y z
N SER A 32 -15.18 -18.85 2.48
CA SER A 32 -15.75 -19.96 3.24
C SER A 32 -14.69 -21.00 3.56
N THR A 33 -14.87 -21.70 4.69
CA THR A 33 -13.89 -22.71 5.09
C THR A 33 -13.91 -23.91 4.16
N ALA A 34 -15.09 -24.29 3.65
CA ALA A 34 -15.17 -25.44 2.78
C ALA A 34 -14.43 -25.19 1.47
N GLU A 35 -14.42 -23.95 0.99
CA GLU A 35 -13.68 -23.60 -0.21
C GLU A 35 -12.19 -23.91 -0.03
N LEU A 36 -11.60 -23.35 1.03
CA LEU A 36 -10.18 -23.56 1.27
C LEU A 36 -9.89 -25.01 1.62
N PHE A 37 -10.84 -25.72 2.22
CA PHE A 37 -10.65 -27.12 2.51
C PHE A 37 -10.58 -27.95 1.23
N ARG A 38 -11.52 -27.72 0.31
CA ARG A 38 -11.47 -28.40 -0.99
C ARG A 38 -10.21 -28.02 -1.75
N LYS A 39 -9.73 -26.79 -1.59
CA LYS A 39 -8.49 -26.38 -2.23
C LYS A 39 -7.31 -27.17 -1.68
N ILE A 40 -7.16 -27.19 -0.36
CA ILE A 40 -6.03 -27.86 0.28
C ILE A 40 -6.12 -29.37 0.20
N LYS A 41 -7.31 -29.91 -0.14
CA LYS A 41 -7.49 -31.36 -0.21
C LYS A 41 -6.47 -32.04 -1.14
N ASN A 42 -6.08 -31.38 -2.23
CA ASN A 42 -5.28 -32.06 -3.24
C ASN A 42 -3.77 -31.92 -3.02
N GLU A 43 -3.26 -30.72 -2.70
CA GLU A 43 -1.81 -30.59 -2.55
C GLU A 43 -1.31 -31.20 -1.24
N LYS A 44 -2.16 -31.32 -0.23
CA LYS A 44 -1.82 -31.94 1.06
C LYS A 44 -0.65 -31.19 1.72
N ILE A 45 -0.94 -29.95 2.10
CA ILE A 45 -0.05 -29.22 2.98
C ILE A 45 -0.05 -29.89 4.35
N SER A 46 1.11 -29.96 4.98
CA SER A 46 1.21 -30.54 6.32
C SER A 46 0.63 -29.57 7.34
N PHE A 47 -0.33 -30.04 8.14
CA PHE A 47 -0.80 -29.26 9.27
C PHE A 47 0.21 -29.26 10.42
N PHE A 48 1.22 -30.12 10.35
CA PHE A 48 2.37 -30.11 11.25
C PHE A 48 3.45 -29.12 10.79
N LEU A 49 3.17 -28.34 9.74
CA LEU A 49 4.24 -27.61 9.07
C LEU A 49 4.86 -26.52 9.94
N PRO A 50 4.10 -25.65 10.62
CA PRO A 50 4.76 -24.62 11.45
C PRO A 50 5.53 -25.20 12.61
N PHE A 51 5.17 -26.40 13.07
CA PHE A 51 5.83 -27.04 14.21
C PHE A 51 6.87 -28.05 13.73
N LYS A 52 7.91 -27.54 13.06
CA LYS A 52 9.04 -28.35 12.64
C LYS A 52 10.39 -27.72 12.94
N CYS A 53 10.46 -26.41 13.14
CA CYS A 53 11.69 -25.74 13.57
C CYS A 53 11.78 -25.69 15.10
N LEU A 54 11.63 -26.86 15.72
CA LEU A 54 11.56 -26.99 17.17
C LEU A 54 12.41 -28.17 17.62
N PRO A 55 13.05 -28.10 18.80
CA PRO A 55 13.70 -29.31 19.34
C PRO A 55 12.68 -30.35 19.77
N ALA A 56 13.18 -31.44 20.35
CA ALA A 56 12.31 -32.44 20.95
C ALA A 56 11.82 -32.04 22.33
N GLN A 57 12.50 -31.11 23.01
CA GLN A 57 12.04 -30.67 24.31
C GLN A 57 10.68 -29.99 24.23
N HIS A 58 10.49 -29.13 23.23
CA HIS A 58 9.23 -28.42 23.06
C HIS A 58 8.14 -29.28 22.47
N ARG A 59 8.38 -30.57 22.21
CA ARG A 59 7.34 -31.44 21.70
C ARG A 59 6.27 -31.77 22.73
N LYS A 60 6.60 -31.67 24.03
CA LYS A 60 5.69 -32.09 25.09
C LYS A 60 5.28 -30.96 26.03
N LEU A 61 6.09 -29.90 26.16
CA LEU A 61 5.58 -28.68 26.77
C LEU A 61 4.35 -28.18 26.03
N LEU A 62 4.33 -28.39 24.71
CA LEU A 62 3.12 -28.19 23.94
C LEU A 62 2.03 -29.16 24.38
N PHE A 63 2.37 -30.45 24.46
CA PHE A 63 1.36 -31.48 24.71
C PHE A 63 0.66 -31.28 26.04
N ILE A 64 1.35 -30.75 27.05
CA ILE A 64 0.72 -30.41 28.32
C ILE A 64 -0.50 -29.54 28.10
N SER A 65 -0.35 -28.49 27.30
CA SER A 65 -1.46 -27.58 27.05
C SER A 65 -2.62 -28.23 26.31
N PHE A 66 -2.44 -29.44 25.77
CA PHE A 66 -3.57 -30.17 25.23
C PHE A 66 -4.55 -30.54 26.34
N VAL A 67 -4.04 -31.05 27.46
CA VAL A 67 -4.91 -31.52 28.54
C VAL A 67 -5.28 -30.39 29.50
N CYS A 68 -4.49 -29.33 29.54
CA CYS A 68 -4.88 -28.12 30.27
C CYS A 68 -5.91 -27.28 29.52
N ALA A 69 -6.45 -27.77 28.39
CA ALA A 69 -7.49 -27.05 27.67
C ALA A 69 -8.56 -28.00 27.10
N VAL A 70 -8.65 -29.22 27.64
CA VAL A 70 -9.83 -30.05 27.45
C VAL A 70 -10.62 -30.20 28.75
N LEU A 71 -9.95 -30.21 29.91
CA LEU A 71 -10.64 -30.24 31.18
C LEU A 71 -11.55 -29.02 31.34
N SER A 72 -11.06 -27.86 30.93
CA SER A 72 -11.84 -26.63 31.04
C SER A 72 -12.99 -26.54 30.05
N GLY A 73 -13.18 -27.54 29.20
CA GLY A 73 -14.37 -27.65 28.38
C GLY A 73 -15.47 -28.42 29.09
N GLY A 74 -15.09 -29.23 30.08
CA GLY A 74 -16.05 -29.97 30.88
C GLY A 74 -16.45 -29.23 32.14
N THR A 75 -16.55 -27.90 32.05
CA THR A 75 -16.97 -27.06 33.17
C THR A 75 -18.46 -26.71 33.08
N LEU A 76 -18.89 -26.16 31.95
CA LEU A 76 -20.30 -25.81 31.79
C LEU A 76 -21.25 -26.99 31.92
N PRO A 77 -20.91 -28.22 31.50
CA PRO A 77 -21.84 -29.34 31.74
C PRO A 77 -22.13 -29.63 33.21
N PHE A 78 -21.38 -29.04 34.15
CA PHE A 78 -21.65 -29.17 35.57
C PHE A 78 -22.49 -28.00 36.08
N PHE A 79 -22.08 -26.78 35.74
CA PHE A 79 -22.83 -25.59 36.11
C PHE A 79 -24.25 -25.68 35.58
N ILE A 80 -24.42 -26.07 34.32
CA ILE A 80 -25.75 -26.14 33.74
C ILE A 80 -26.55 -27.29 34.34
N SER A 81 -25.87 -28.36 34.77
CA SER A 81 -26.57 -29.49 35.35
C SER A 81 -26.97 -29.26 36.79
N VAL A 82 -26.42 -28.24 37.45
CA VAL A 82 -26.87 -27.85 38.80
C VAL A 82 -27.70 -26.56 38.74
N PHE A 83 -27.76 -25.91 37.56
CA PHE A 83 -28.51 -24.67 37.44
C PHE A 83 -29.97 -24.83 37.80
N GLY A 84 -30.64 -25.86 37.26
CA GLY A 84 -32.03 -26.09 37.56
C GLY A 84 -32.25 -26.49 39.01
N VAL A 85 -31.31 -27.25 39.56
CA VAL A 85 -31.44 -27.72 40.92
C VAL A 85 -31.35 -26.57 41.90
N ILE A 86 -30.48 -25.60 41.63
CA ILE A 86 -30.40 -24.42 42.48
C ILE A 86 -31.74 -23.70 42.54
N LEU A 87 -32.40 -23.54 41.39
CA LEU A 87 -33.67 -22.83 41.36
C LEU A 87 -34.75 -23.63 42.07
N LYS A 88 -34.80 -24.94 41.86
CA LYS A 88 -35.72 -25.78 42.61
C LYS A 88 -35.46 -25.69 44.11
N ASN A 89 -34.21 -25.51 44.50
CA ASN A 89 -33.81 -25.51 45.90
C ASN A 89 -34.03 -24.15 46.57
N MET A 90 -34.12 -23.09 45.80
CA MET A 90 -34.30 -21.75 46.36
C MET A 90 -35.76 -21.36 46.51
N ASN A 91 -36.61 -21.69 45.53
CA ASN A 91 -38.03 -21.36 45.59
C ASN A 91 -38.85 -22.46 46.27
N LEU A 92 -38.23 -23.27 47.12
CA LEU A 92 -38.92 -24.33 47.85
C LEU A 92 -38.56 -24.38 49.33
N GLY A 93 -37.39 -23.90 49.74
CA GLY A 93 -37.06 -23.73 51.16
C GLY A 93 -35.68 -24.19 51.59
N ASP A 94 -35.16 -25.24 50.97
CA ASP A 94 -33.93 -25.85 51.44
C ASP A 94 -32.72 -24.99 51.06
N ASP A 95 -31.53 -25.44 51.46
CA ASP A 95 -30.30 -24.67 51.35
C ASP A 95 -29.47 -25.12 50.14
N ILE A 96 -28.42 -24.35 49.86
CA ILE A 96 -27.61 -24.51 48.64
C ILE A 96 -26.11 -24.52 48.93
N ASN A 97 -25.73 -24.48 50.21
CA ASN A 97 -24.33 -24.26 50.56
C ASN A 97 -23.34 -25.31 50.05
N PRO A 98 -23.67 -26.61 50.00
CA PRO A 98 -22.68 -27.57 49.48
C PRO A 98 -22.30 -27.32 48.03
N ILE A 99 -23.27 -26.97 47.20
CA ILE A 99 -23.05 -26.87 45.77
C ILE A 99 -22.17 -25.66 45.44
N ILE A 100 -22.29 -24.58 46.21
CA ILE A 100 -21.44 -23.40 46.02
C ILE A 100 -19.97 -23.77 46.15
N LEU A 101 -19.64 -24.53 47.20
CA LEU A 101 -18.26 -24.94 47.42
C LEU A 101 -17.85 -26.00 46.40
N SER A 102 -18.79 -26.84 45.97
CA SER A 102 -18.51 -27.77 44.89
C SER A 102 -18.17 -27.05 43.58
N LEU A 103 -18.66 -25.83 43.41
CA LEU A 103 -18.49 -25.06 42.18
C LEU A 103 -17.24 -24.18 42.17
N VAL A 104 -16.97 -23.48 43.28
CA VAL A 104 -15.88 -22.51 43.28
C VAL A 104 -14.52 -23.19 43.13
N SER A 105 -14.37 -24.41 43.63
CA SER A 105 -13.10 -25.13 43.46
C SER A 105 -12.84 -25.42 41.98
N ILE A 106 -13.87 -25.88 41.27
CA ILE A 106 -13.74 -26.10 39.84
C ILE A 106 -13.44 -24.79 39.14
N GLY A 107 -13.99 -23.69 39.63
CA GLY A 107 -13.61 -22.38 39.09
C GLY A 107 -12.13 -22.10 39.24
N LEU A 108 -11.56 -22.40 40.40
CA LEU A 108 -10.15 -22.12 40.64
C LEU A 108 -9.25 -22.99 39.76
N VAL A 109 -9.59 -24.28 39.62
CA VAL A 109 -8.74 -25.10 38.77
C VAL A 109 -8.88 -24.68 37.31
N GLN A 110 -10.06 -24.17 36.92
CA GLN A 110 -10.19 -23.58 35.59
C GLN A 110 -9.24 -22.40 35.42
N PHE A 111 -9.17 -21.53 36.44
CA PHE A 111 -8.25 -20.39 36.39
C PHE A 111 -6.81 -20.85 36.14
N ILE A 112 -6.37 -21.84 36.91
CA ILE A 112 -4.97 -22.27 36.79
C ILE A 112 -4.71 -22.91 35.43
N LEU A 113 -5.60 -23.83 35.01
CA LEU A 113 -5.44 -24.48 33.73
C LEU A 113 -5.50 -23.50 32.57
N SER A 114 -6.19 -22.37 32.73
CA SER A 114 -6.15 -21.32 31.72
C SER A 114 -4.86 -20.53 31.80
N MET A 115 -4.27 -20.40 32.98
CA MET A 115 -3.04 -19.64 33.12
C MET A 115 -1.86 -20.33 32.47
N ILE A 116 -1.83 -21.66 32.50
CA ILE A 116 -0.67 -22.40 31.99
C ILE A 116 -0.49 -22.20 30.48
N SER A 117 -1.59 -22.30 29.74
CA SER A 117 -1.51 -22.48 28.29
C SER A 117 -0.96 -21.25 27.59
N SER A 118 -1.25 -20.05 28.09
CA SER A 118 -0.72 -18.83 27.49
C SER A 118 0.80 -18.82 27.55
N TYR A 119 1.34 -19.06 28.76
CA TYR A 119 2.78 -19.09 28.96
C TYR A 119 3.45 -20.13 28.05
N CYS A 120 2.80 -21.28 27.85
CA CYS A 120 3.37 -22.26 26.92
C CYS A 120 3.35 -21.74 25.48
N MET A 121 2.16 -21.41 24.98
CA MET A 121 1.97 -21.19 23.56
C MET A 121 2.71 -19.97 23.06
N ASP A 122 2.68 -18.88 23.81
CA ASP A 122 3.33 -17.66 23.34
C ASP A 122 4.84 -17.86 23.19
N VAL A 123 5.45 -18.59 24.14
CA VAL A 123 6.87 -18.87 24.05
C VAL A 123 7.17 -19.72 22.81
N ILE A 124 6.37 -20.75 22.57
CA ILE A 124 6.58 -21.58 21.38
C ILE A 124 6.48 -20.74 20.11
N THR A 125 5.47 -19.88 20.04
CA THR A 125 5.27 -19.05 18.85
C THR A 125 6.44 -18.11 18.65
N SER A 126 6.92 -17.47 19.72
CA SER A 126 8.06 -16.57 19.60
C SER A 126 9.28 -17.31 19.09
N LYS A 127 9.49 -18.54 19.56
CA LYS A 127 10.64 -19.32 19.11
C LYS A 127 10.59 -19.57 17.61
N ILE A 128 9.48 -20.15 17.13
CA ILE A 128 9.42 -20.50 15.71
C ILE A 128 9.42 -19.24 14.85
N LEU A 129 8.82 -18.16 15.34
CA LEU A 129 8.83 -16.89 14.64
C LEU A 129 10.24 -16.36 14.45
N LYS A 130 11.08 -16.45 15.50
CA LYS A 130 12.45 -16.02 15.37
C LYS A 130 13.21 -16.91 14.37
N THR A 131 13.02 -18.22 14.47
CA THR A 131 13.85 -19.12 13.65
C THR A 131 13.53 -18.99 12.18
N LEU A 132 12.26 -18.79 11.82
CA LEU A 132 11.95 -18.64 10.40
C LEU A 132 12.52 -17.35 9.84
N LYS A 133 12.55 -16.29 10.64
CA LYS A 133 13.21 -15.06 10.21
C LYS A 133 14.69 -15.30 9.95
N LEU A 134 15.35 -16.01 10.87
CA LEU A 134 16.78 -16.23 10.69
C LEU A 134 17.09 -17.21 9.57
N GLU A 135 16.13 -18.02 9.14
CA GLU A 135 16.32 -18.79 7.91
C GLU A 135 16.07 -17.91 6.68
N TYR A 136 15.11 -16.99 6.77
CA TYR A 136 14.79 -16.13 5.63
C TYR A 136 15.94 -15.22 5.27
N LEU A 137 16.62 -14.68 6.29
CA LEU A 137 17.77 -13.82 6.02
C LEU A 137 18.84 -14.58 5.23
N ARG A 138 19.14 -15.81 5.67
CA ARG A 138 20.10 -16.66 4.98
C ARG A 138 19.68 -16.89 3.53
N SER A 139 18.43 -17.31 3.33
CA SER A 139 17.97 -17.59 1.97
C SER A 139 18.01 -16.36 1.10
N VAL A 140 17.81 -15.17 1.68
CA VAL A 140 17.96 -13.94 0.92
C VAL A 140 19.42 -13.73 0.51
N PHE A 141 20.36 -14.05 1.40
CA PHE A 141 21.76 -13.88 1.05
C PHE A 141 22.28 -14.92 0.05
N TYR A 142 21.46 -15.87 -0.37
CA TYR A 142 21.86 -16.88 -1.36
C TYR A 142 20.99 -16.80 -2.61
N GLN A 143 20.83 -15.60 -3.16
CA GLN A 143 20.22 -15.42 -4.46
C GLN A 143 21.28 -15.42 -5.57
N ASP A 144 20.85 -15.72 -6.79
CA ASP A 144 21.75 -16.03 -7.88
C ASP A 144 22.34 -14.81 -8.59
N GLY A 145 22.12 -13.61 -8.07
CA GLY A 145 22.53 -12.39 -8.77
C GLY A 145 21.46 -11.86 -9.69
N GLN A 146 20.92 -12.71 -10.55
CA GLN A 146 19.77 -12.35 -11.37
C GLN A 146 18.58 -12.00 -10.48
N PHE A 147 18.33 -12.81 -9.46
CA PHE A 147 17.20 -12.57 -8.57
C PHE A 147 17.37 -11.28 -7.80
N HIS A 148 18.61 -10.90 -7.45
CA HIS A 148 18.83 -9.60 -6.83
C HIS A 148 18.28 -8.48 -7.70
N ASP A 149 18.45 -8.59 -9.01
CA ASP A 149 17.92 -7.59 -9.92
C ASP A 149 16.42 -7.73 -10.08
N ASN A 150 15.89 -8.96 -10.02
CA ASN A 150 14.46 -9.16 -10.21
C ASN A 150 13.65 -8.47 -9.12
N ASN A 151 13.80 -8.91 -7.86
CA ASN A 151 13.02 -8.34 -6.76
C ASN A 151 13.82 -7.25 -6.05
N PRO A 152 13.52 -5.94 -6.24
CA PRO A 152 14.43 -4.90 -5.75
C PRO A 152 14.31 -4.69 -4.25
N GLY A 153 15.28 -5.22 -3.50
CA GLY A 153 15.57 -4.79 -2.15
C GLY A 153 14.43 -4.69 -1.16
N SER A 154 14.12 -3.45 -0.77
CA SER A 154 13.27 -3.18 0.39
C SER A 154 11.88 -3.78 0.29
N LYS A 155 11.42 -4.12 -0.92
CA LYS A 155 10.16 -4.84 -1.08
C LYS A 155 10.15 -6.08 -0.20
N LEU A 156 11.22 -6.86 -0.25
CA LEU A 156 11.37 -8.01 0.63
C LEU A 156 11.27 -7.60 2.09
N ARG A 157 11.95 -6.51 2.45
CA ARG A 157 11.88 -5.99 3.82
C ARG A 157 10.46 -5.57 4.17
N SER A 158 9.66 -5.18 3.18
CA SER A 158 8.26 -4.84 3.41
C SER A 158 7.35 -6.07 3.35
N ASP A 159 7.83 -7.18 2.80
CA ASP A 159 7.01 -8.37 2.68
C ASP A 159 7.02 -9.19 3.96
N LEU A 160 8.22 -9.50 4.45
CA LEU A 160 8.43 -10.42 5.57
C LEU A 160 7.54 -10.07 6.76
N ASP A 161 7.66 -8.84 7.26
CA ASP A 161 6.91 -8.40 8.42
C ASP A 161 5.42 -8.62 8.24
N PHE A 162 4.91 -8.35 7.03
CA PHE A 162 3.49 -8.56 6.76
C PHE A 162 3.11 -10.02 7.03
N TYR A 163 3.86 -10.96 6.45
CA TYR A 163 3.57 -12.36 6.70
C TYR A 163 3.67 -12.68 8.19
N LEU A 164 4.59 -12.03 8.90
CA LEU A 164 4.70 -12.31 10.32
C LEU A 164 3.43 -11.93 11.06
N GLU A 165 2.83 -10.78 10.72
CA GLU A 165 1.60 -10.40 11.41
C GLU A 165 0.38 -11.13 10.85
N GLN A 166 0.57 -12.07 9.92
CA GLN A 166 -0.47 -13.04 9.61
C GLN A 166 -0.34 -14.33 10.42
N VAL A 167 0.81 -14.55 11.06
CA VAL A 167 1.07 -15.79 11.77
C VAL A 167 1.49 -15.58 13.22
N SER A 168 2.00 -14.39 13.59
CA SER A 168 2.29 -14.13 14.98
C SER A 168 1.04 -14.08 15.83
N SER A 169 -0.09 -13.71 15.22
CA SER A 169 -1.38 -13.57 15.90
C SER A 169 -2.45 -14.41 15.21
N GLY A 170 -2.10 -15.63 14.81
CA GLY A 170 -3.05 -16.53 14.19
C GLY A 170 -2.91 -17.99 14.56
N ILE A 171 -1.93 -18.32 15.42
CA ILE A 171 -1.75 -19.68 15.91
C ILE A 171 -1.51 -19.67 17.41
N GLY A 172 -1.82 -18.57 18.07
CA GLY A 172 -1.62 -18.48 19.51
C GLY A 172 -2.72 -19.17 20.30
N THR A 173 -3.19 -18.51 21.35
CA THR A 173 -4.23 -19.07 22.21
C THR A 173 -5.51 -19.38 21.44
N LYS A 174 -5.79 -18.61 20.39
CA LYS A 174 -6.99 -18.83 19.59
C LYS A 174 -6.91 -20.07 18.70
N PHE A 175 -5.86 -20.89 18.85
CA PHE A 175 -5.89 -22.26 18.33
C PHE A 175 -6.42 -23.23 19.37
N ILE A 176 -5.99 -23.10 20.63
CA ILE A 176 -6.49 -23.98 21.69
C ILE A 176 -7.90 -23.63 22.11
N THR A 177 -8.39 -22.43 21.83
CA THR A 177 -9.79 -22.17 22.12
C THR A 177 -10.75 -23.03 21.31
N ILE A 178 -10.28 -23.77 20.31
CA ILE A 178 -11.13 -24.69 19.56
C ILE A 178 -11.54 -25.87 20.42
N PHE A 179 -10.56 -26.49 21.09
CA PHE A 179 -10.81 -27.77 21.75
C PHE A 179 -11.71 -27.61 22.96
N THR A 180 -11.53 -26.52 23.72
CA THR A 180 -12.41 -26.25 24.85
C THR A 180 -13.86 -26.21 24.40
N TYR A 181 -14.13 -25.46 23.34
CA TYR A 181 -15.50 -25.27 22.87
C TYR A 181 -16.05 -26.57 22.28
N ALA A 182 -15.21 -27.35 21.59
CA ALA A 182 -15.68 -28.63 21.06
C ALA A 182 -16.04 -29.58 22.20
N SER A 183 -15.21 -29.65 23.23
CA SER A 183 -15.51 -30.50 24.38
C SER A 183 -16.80 -30.07 25.05
N SER A 184 -16.97 -28.76 25.24
CA SER A 184 -18.20 -28.25 25.85
C SER A 184 -19.42 -28.63 25.02
N PHE A 185 -19.32 -28.45 23.70
CA PHE A 185 -20.40 -28.83 22.78
C PHE A 185 -20.79 -30.28 22.98
N LEU A 186 -19.81 -31.17 22.87
CA LEU A 186 -20.07 -32.61 22.98
C LEU A 186 -20.70 -32.94 24.32
N GLY A 187 -20.12 -32.43 25.41
CA GLY A 187 -20.62 -32.77 26.73
C GLY A 187 -22.04 -32.31 26.95
N LEU A 188 -22.31 -31.03 26.63
CA LEU A 188 -23.66 -30.49 26.81
C LEU A 188 -24.67 -31.30 26.00
N TYR A 189 -24.40 -31.49 24.71
CA TYR A 189 -25.39 -32.15 23.87
C TYR A 189 -25.64 -33.58 24.32
N ILE A 190 -24.57 -34.34 24.61
CA ILE A 190 -24.76 -35.75 24.91
C ILE A 190 -25.39 -35.93 26.29
N TRP A 191 -25.04 -35.07 27.25
CA TRP A 191 -25.71 -35.16 28.56
C TRP A 191 -27.19 -34.84 28.41
N SER A 192 -27.52 -33.77 27.68
CA SER A 192 -28.92 -33.43 27.45
C SER A 192 -29.65 -34.56 26.75
N LEU A 193 -28.96 -35.27 25.85
CA LEU A 193 -29.62 -36.34 25.12
C LEU A 193 -29.90 -37.54 26.02
N ILE A 194 -28.93 -37.95 26.84
CA ILE A 194 -29.17 -39.10 27.71
C ILE A 194 -30.21 -38.76 28.77
N LYS A 195 -30.25 -37.51 29.24
CA LYS A 195 -31.28 -37.12 30.19
C LYS A 195 -32.66 -37.15 29.54
N ASN A 196 -32.76 -36.71 28.29
CA ASN A 196 -34.00 -36.80 27.54
C ASN A 196 -33.69 -36.54 26.07
N ALA A 197 -34.18 -37.43 25.21
CA ALA A 197 -33.79 -37.45 23.80
C ALA A 197 -34.86 -36.93 22.86
N ARG A 198 -36.10 -37.38 23.03
CA ARG A 198 -37.18 -36.97 22.14
C ARG A 198 -37.37 -35.45 22.16
N LEU A 199 -37.19 -34.83 23.33
CA LEU A 199 -37.38 -33.39 23.47
C LEU A 199 -36.41 -32.62 22.58
N THR A 200 -35.11 -32.84 22.77
CA THR A 200 -34.12 -32.07 22.02
C THR A 200 -34.17 -32.39 20.53
N LEU A 201 -34.52 -33.62 20.17
CA LEU A 201 -34.76 -33.93 18.76
C LEU A 201 -35.90 -33.09 18.21
N CYS A 202 -36.98 -32.95 18.98
CA CYS A 202 -38.08 -32.09 18.54
C CYS A 202 -37.69 -30.62 18.54
N ILE A 203 -36.68 -30.23 19.31
CA ILE A 203 -36.25 -28.83 19.33
C ILE A 203 -35.34 -28.53 18.15
N THR A 204 -34.25 -29.29 18.02
CA THR A 204 -33.25 -28.99 17.01
C THR A 204 -33.75 -29.38 15.63
N CYS A 205 -34.73 -28.64 15.11
CA CYS A 205 -35.25 -28.81 13.77
C CYS A 205 -35.53 -27.46 13.11
N VAL A 206 -34.86 -26.41 13.57
CA VAL A 206 -35.09 -25.04 13.13
C VAL A 206 -33.80 -24.39 12.64
N PHE A 207 -32.66 -24.83 13.17
CA PHE A 207 -31.36 -24.28 12.82
C PHE A 207 -30.88 -24.64 11.41
N PRO A 208 -31.21 -25.79 10.83
CA PRO A 208 -30.92 -25.97 9.40
C PRO A 208 -31.51 -24.89 8.52
N LEU A 209 -32.72 -24.44 8.85
CA LEU A 209 -33.38 -23.37 8.11
C LEU A 209 -32.63 -22.05 8.20
N ILE A 210 -31.78 -21.88 9.20
CA ILE A 210 -30.94 -20.70 9.31
C ILE A 210 -29.77 -20.77 8.34
N TYR A 211 -29.08 -21.91 8.29
CA TYR A 211 -27.98 -22.10 7.35
C TYR A 211 -28.46 -21.94 5.91
N VAL A 212 -29.64 -22.51 5.61
CA VAL A 212 -30.20 -22.40 4.27
C VAL A 212 -30.45 -20.94 3.90
N CYS A 213 -31.14 -20.22 4.77
CA CYS A 213 -31.40 -18.80 4.52
C CYS A 213 -30.11 -18.02 4.37
N GLY A 214 -29.10 -18.38 5.18
CA GLY A 214 -27.83 -17.67 5.12
C GLY A 214 -27.16 -17.79 3.77
N VAL A 215 -27.05 -19.02 3.25
CA VAL A 215 -26.41 -19.19 1.96
C VAL A 215 -27.24 -18.55 0.85
N ILE A 216 -28.58 -18.69 0.92
CA ILE A 216 -29.43 -18.15 -0.14
C ILE A 216 -29.35 -16.63 -0.16
N CYS A 217 -29.14 -16.00 0.99
CA CYS A 217 -28.98 -14.55 1.03
C CYS A 217 -27.59 -14.12 0.62
N ASN A 218 -26.57 -14.90 0.96
CA ASN A 218 -25.20 -14.57 0.57
C ASN A 218 -25.07 -14.54 -0.95
N LYS A 219 -25.70 -15.50 -1.64
CA LYS A 219 -25.69 -15.50 -3.10
C LYS A 219 -26.20 -14.17 -3.67
N LYS A 220 -27.42 -13.81 -3.29
CA LYS A 220 -28.04 -12.61 -3.84
C LYS A 220 -27.33 -11.34 -3.39
N VAL A 221 -26.60 -11.37 -2.29
CA VAL A 221 -25.80 -10.21 -1.91
C VAL A 221 -24.59 -10.07 -2.83
N LYS A 222 -23.88 -11.16 -3.08
CA LYS A 222 -22.69 -11.09 -3.93
C LYS A 222 -23.06 -10.68 -5.34
N LEU A 223 -24.16 -11.22 -5.87
CA LEU A 223 -24.52 -10.96 -7.26
C LEU A 223 -24.74 -9.48 -7.54
N ASN A 224 -25.20 -8.73 -6.56
CA ASN A 224 -25.37 -7.29 -6.71
C ASN A 224 -24.14 -6.51 -6.29
N LYS A 225 -23.39 -7.03 -5.32
CA LYS A 225 -22.20 -6.32 -4.85
C LYS A 225 -21.15 -6.24 -5.95
N LYS A 226 -21.05 -7.28 -6.79
CA LYS A 226 -20.05 -7.22 -7.85
C LYS A 226 -20.40 -6.17 -8.90
N THR A 227 -21.68 -6.03 -9.22
CA THR A 227 -22.09 -4.98 -10.15
C THR A 227 -21.88 -3.60 -9.54
N SER A 228 -22.16 -3.47 -8.25
CA SER A 228 -21.85 -2.22 -7.55
C SER A 228 -20.38 -1.87 -7.70
N LEU A 229 -19.50 -2.83 -7.49
CA LEU A 229 -18.07 -2.59 -7.67
C LEU A 229 -17.76 -2.25 -9.12
N LEU A 230 -18.47 -2.88 -10.05
CA LEU A 230 -18.23 -2.62 -11.47
C LEU A 230 -18.50 -1.16 -11.82
N TYR A 231 -19.54 -0.57 -11.23
CA TYR A 231 -19.91 0.81 -11.54
C TYR A 231 -19.20 1.83 -10.66
N ASN A 232 -18.01 1.51 -10.14
CA ASN A 232 -17.20 2.44 -9.37
C ASN A 232 -15.88 2.80 -10.05
N ASN A 233 -15.22 1.84 -10.68
CA ASN A 233 -13.99 2.13 -11.40
C ASN A 233 -14.23 3.09 -12.55
N ASN A 234 -15.43 3.05 -13.13
CA ASN A 234 -15.80 4.05 -14.14
C ASN A 234 -15.68 5.45 -13.58
N THR A 235 -16.25 5.68 -12.40
CA THR A 235 -16.15 7.00 -11.77
C THR A 235 -14.72 7.34 -11.42
N MET A 236 -13.97 6.34 -10.96
CA MET A 236 -12.56 6.55 -10.64
C MET A 236 -11.79 7.06 -11.85
N SER A 237 -12.02 6.43 -13.00
CA SER A 237 -11.39 6.87 -14.24
C SER A 237 -11.85 8.26 -14.62
N ILE A 238 -13.16 8.53 -14.52
CA ILE A 238 -13.70 9.83 -14.88
C ILE A 238 -13.07 10.92 -14.03
N ILE A 239 -12.70 10.60 -12.79
CA ILE A 239 -12.08 11.60 -11.93
C ILE A 239 -10.62 11.79 -12.30
N GLU A 240 -9.87 10.69 -12.38
CA GLU A 240 -8.42 10.80 -12.61
C GLU A 240 -8.12 11.37 -13.98
N GLU A 241 -8.69 10.77 -15.03
CA GLU A 241 -8.44 11.20 -16.40
C GLU A 241 -8.88 12.64 -16.63
N ALA A 242 -9.87 13.10 -15.88
CA ALA A 242 -10.34 14.48 -16.01
C ALA A 242 -9.44 15.46 -15.25
N LEU A 243 -8.92 15.06 -14.10
CA LEU A 243 -8.04 15.94 -13.36
C LEU A 243 -6.66 16.06 -14.00
N MET A 244 -6.18 15.00 -14.62
CA MET A 244 -4.86 15.06 -15.27
C MET A 244 -4.86 16.09 -16.39
N GLY A 245 -5.66 15.86 -17.43
CA GLY A 245 -5.81 16.81 -18.51
C GLY A 245 -6.79 17.91 -18.14
N ILE A 246 -6.36 18.85 -17.31
CA ILE A 246 -7.27 19.83 -16.75
C ILE A 246 -7.42 21.04 -17.64
N ARG A 247 -6.34 21.52 -18.26
CA ARG A 247 -6.40 22.79 -18.97
C ARG A 247 -7.13 22.67 -20.30
N THR A 248 -7.08 21.49 -20.93
CA THR A 248 -7.89 21.26 -22.11
C THR A 248 -9.37 21.35 -21.79
N VAL A 249 -9.77 20.95 -20.58
CA VAL A 249 -11.15 21.10 -20.18
C VAL A 249 -11.51 22.57 -19.99
N ALA A 250 -10.59 23.34 -19.42
CA ALA A 250 -10.85 24.75 -19.17
C ALA A 250 -10.91 25.55 -20.47
N SER A 251 -10.12 25.17 -21.47
CA SER A 251 -10.08 25.92 -22.71
C SER A 251 -11.37 25.76 -23.50
N TYR A 252 -11.90 24.53 -23.59
CA TYR A 252 -13.15 24.28 -24.29
C TYR A 252 -14.38 24.49 -23.41
N CYS A 253 -14.21 24.61 -22.09
CA CYS A 253 -15.31 24.82 -21.16
C CYS A 253 -16.31 23.66 -21.23
N GLY A 254 -15.80 22.47 -20.91
CA GLY A 254 -16.58 21.25 -20.91
C GLY A 254 -16.76 20.66 -19.52
N GLU A 255 -17.06 21.52 -18.55
CA GLU A 255 -17.14 21.08 -17.16
C GLU A 255 -18.37 20.20 -16.93
N LYS A 256 -19.54 20.66 -17.38
CA LYS A 256 -20.80 20.03 -16.99
C LYS A 256 -20.95 18.63 -17.56
N THR A 257 -20.44 18.41 -18.77
CA THR A 257 -20.57 17.13 -19.44
C THR A 257 -19.73 16.02 -18.80
N ILE A 258 -18.96 16.33 -17.77
CA ILE A 258 -18.36 15.34 -16.91
C ILE A 258 -19.20 15.09 -15.66
N LEU A 259 -19.74 16.17 -15.09
CA LEU A 259 -20.60 16.07 -13.93
C LEU A 259 -21.80 15.17 -14.21
N ASN A 260 -22.41 15.33 -15.39
CA ASN A 260 -23.58 14.52 -15.70
C ASN A 260 -23.24 13.04 -15.76
N LYS A 261 -22.12 12.69 -16.40
CA LYS A 261 -21.70 11.29 -16.44
C LYS A 261 -21.40 10.76 -15.05
N PHE A 262 -20.77 11.60 -14.23
CA PHE A 262 -20.45 11.21 -12.85
C PHE A 262 -21.70 10.84 -12.08
N ASN A 263 -22.72 11.70 -12.13
CA ASN A 263 -23.96 11.43 -11.41
C ASN A 263 -24.67 10.20 -11.98
N LEU A 264 -24.73 10.09 -13.30
CA LEU A 264 -25.42 8.96 -13.92
C LEU A 264 -24.73 7.63 -13.62
N SER A 265 -23.43 7.64 -13.35
CA SER A 265 -22.75 6.43 -12.90
C SER A 265 -22.87 6.20 -11.40
N GLU A 266 -23.08 7.27 -10.62
CA GLU A 266 -23.15 7.14 -9.18
C GLU A 266 -24.49 6.58 -8.72
N THR A 267 -25.57 6.93 -9.44
CA THR A 267 -26.91 6.51 -9.01
C THR A 267 -27.07 5.00 -9.02
N PHE A 268 -26.55 4.32 -10.06
CA PHE A 268 -26.71 2.88 -10.14
C PHE A 268 -25.99 2.20 -8.99
N TYR A 269 -24.80 2.69 -8.65
CA TYR A 269 -24.07 2.17 -7.51
C TYR A 269 -24.88 2.30 -6.23
N SER A 270 -25.46 3.49 -6.01
CA SER A 270 -26.27 3.72 -4.82
C SER A 270 -27.42 2.72 -4.73
N LYS A 271 -28.20 2.59 -5.81
CA LYS A 271 -29.38 1.75 -5.72
C LYS A 271 -29.02 0.29 -5.55
N TYR A 272 -27.97 -0.20 -6.23
CA TYR A 272 -27.62 -1.61 -6.09
C TYR A 272 -27.09 -1.90 -4.69
N ILE A 273 -26.25 -1.01 -4.13
CA ILE A 273 -25.73 -1.33 -2.81
C ILE A 273 -26.83 -1.23 -1.75
N LEU A 274 -27.86 -0.39 -1.98
CA LEU A 274 -28.99 -0.40 -1.07
C LEU A 274 -29.80 -1.69 -1.19
N LYS A 275 -30.00 -2.18 -2.42
CA LYS A 275 -30.65 -3.48 -2.60
C LYS A 275 -29.89 -4.59 -1.89
N ALA A 276 -28.56 -4.47 -1.82
CA ALA A 276 -27.78 -5.46 -1.07
C ALA A 276 -27.98 -5.31 0.43
N ASN A 277 -27.93 -4.07 0.93
CA ASN A 277 -28.07 -3.84 2.37
C ASN A 277 -29.41 -4.30 2.89
N PHE A 278 -30.45 -4.27 2.05
CA PHE A 278 -31.76 -4.78 2.47
C PHE A 278 -31.68 -6.23 2.91
N VAL A 279 -31.19 -7.09 2.02
CA VAL A 279 -31.04 -8.49 2.37
C VAL A 279 -30.00 -8.67 3.46
N GLU A 280 -29.04 -7.75 3.57
CA GLU A 280 -28.05 -7.86 4.63
C GLU A 280 -28.68 -7.65 6.00
N ALA A 281 -29.68 -6.76 6.08
CA ALA A 281 -30.35 -6.48 7.35
C ALA A 281 -31.50 -7.44 7.66
N LEU A 282 -32.15 -7.99 6.64
CA LEU A 282 -33.29 -8.86 6.87
C LEU A 282 -32.87 -10.13 7.62
N HIS A 283 -31.82 -10.80 7.14
CA HIS A 283 -31.34 -12.01 7.80
C HIS A 283 -30.94 -11.73 9.24
N ILE A 284 -30.27 -10.60 9.48
CA ILE A 284 -29.88 -10.20 10.82
C ILE A 284 -31.11 -10.05 11.72
N GLY A 285 -32.09 -9.30 11.25
CA GLY A 285 -33.31 -9.14 12.02
C GLY A 285 -34.11 -10.41 12.18
N LEU A 286 -33.88 -11.40 11.32
CA LEU A 286 -34.64 -12.64 11.39
C LEU A 286 -34.07 -13.60 12.41
N ILE A 287 -32.74 -13.71 12.49
CA ILE A 287 -32.16 -14.67 13.41
C ILE A 287 -32.50 -14.38 14.87
N ASN A 288 -32.85 -13.13 15.19
CA ASN A 288 -33.31 -12.78 16.52
C ASN A 288 -34.81 -13.00 16.71
N GLY A 289 -35.44 -13.82 15.87
CA GLY A 289 -36.87 -14.06 15.93
C GLY A 289 -37.25 -15.52 16.09
N LEU A 290 -36.42 -16.43 15.60
CA LEU A 290 -36.72 -17.85 15.65
C LEU A 290 -36.25 -18.50 16.94
N ILE A 291 -35.25 -17.92 17.59
CA ILE A 291 -34.76 -18.44 18.87
C ILE A 291 -35.87 -18.42 19.90
N LEU A 292 -36.71 -17.39 19.86
CA LEU A 292 -37.81 -17.27 20.81
C LEU A 292 -38.87 -18.33 20.56
N VAL A 293 -39.17 -18.59 19.30
CA VAL A 293 -40.06 -19.70 18.96
C VAL A 293 -39.48 -21.01 19.47
N SER A 294 -38.15 -21.15 19.40
CA SER A 294 -37.51 -22.35 19.89
C SER A 294 -37.74 -22.52 21.39
N TYR A 295 -37.44 -21.46 22.16
CA TYR A 295 -37.77 -21.45 23.59
C TYR A 295 -39.21 -21.87 23.83
N ALA A 296 -40.15 -21.21 23.14
CA ALA A 296 -41.56 -21.39 23.42
C ALA A 296 -42.00 -22.83 23.17
N PHE A 297 -41.70 -23.34 21.97
CA PHE A 297 -42.09 -24.72 21.65
C PHE A 297 -41.41 -25.71 22.58
N GLY A 298 -40.17 -25.44 22.96
CA GLY A 298 -39.46 -26.31 23.87
C GLY A 298 -40.17 -26.43 25.20
N PHE A 299 -40.44 -25.28 25.83
CA PHE A 299 -41.13 -25.30 27.12
C PHE A 299 -42.52 -25.91 26.98
N TRP A 300 -43.20 -25.65 25.87
CA TRP A 300 -44.54 -26.16 25.67
C TRP A 300 -44.55 -27.69 25.65
N TYR A 301 -43.72 -28.29 24.80
CA TYR A 301 -43.68 -29.75 24.75
C TYR A 301 -43.15 -30.33 26.06
N GLY A 302 -42.29 -29.58 26.76
CA GLY A 302 -41.86 -30.03 28.07
C GLY A 302 -43.01 -30.16 29.06
N THR A 303 -43.84 -29.12 29.14
CA THR A 303 -45.01 -29.18 30.02
C THR A 303 -45.96 -30.28 29.57
N ARG A 304 -46.08 -30.52 28.27
CA ARG A 304 -46.94 -31.59 27.79
C ARG A 304 -46.46 -32.94 28.30
N ILE A 305 -45.17 -33.21 28.19
CA ILE A 305 -44.67 -34.52 28.65
C ILE A 305 -44.73 -34.61 30.17
N ILE A 306 -44.55 -33.50 30.88
CA ILE A 306 -44.70 -33.53 32.34
C ILE A 306 -46.13 -33.90 32.71
N ILE A 307 -47.11 -33.34 32.03
CA ILE A 307 -48.50 -33.66 32.32
C ILE A 307 -48.80 -35.11 31.96
N ASN A 308 -48.31 -35.56 30.80
CA ASN A 308 -48.51 -36.93 30.37
C ASN A 308 -47.66 -37.94 31.14
N SER A 309 -46.79 -37.48 32.04
CA SER A 309 -45.99 -38.40 32.83
C SER A 309 -46.86 -39.28 33.72
N ALA A 310 -47.70 -38.66 34.54
CA ALA A 310 -48.58 -39.40 35.43
C ALA A 310 -49.78 -38.55 35.84
N PHE A 319 -38.80 -37.90 35.98
CA PHE A 319 -38.67 -36.68 35.17
C PHE A 319 -39.40 -35.53 35.83
N ASN A 320 -38.64 -34.61 36.43
CA ASN A 320 -39.16 -33.49 37.17
C ASN A 320 -38.91 -32.20 36.40
N GLY A 321 -39.27 -31.07 37.01
CA GLY A 321 -39.15 -29.78 36.33
C GLY A 321 -37.75 -29.19 36.32
N ALA A 322 -36.89 -29.61 37.25
CA ALA A 322 -35.52 -29.13 37.27
C ALA A 322 -34.70 -29.66 36.10
N SER A 323 -35.19 -30.67 35.39
CA SER A 323 -34.49 -31.26 34.25
C SER A 323 -34.99 -30.70 32.92
N VAL A 324 -35.62 -29.52 32.92
CA VAL A 324 -36.16 -28.93 31.70
C VAL A 324 -35.60 -27.53 31.50
N ILE A 325 -35.26 -26.84 32.58
CA ILE A 325 -34.61 -25.54 32.44
C ILE A 325 -33.23 -25.71 31.84
N SER A 326 -32.57 -26.84 32.13
CA SER A 326 -31.20 -27.04 31.70
C SER A 326 -31.11 -27.55 30.26
N ILE A 327 -32.07 -28.37 29.83
CA ILE A 327 -32.01 -28.94 28.48
C ILE A 327 -32.02 -27.84 27.43
N LEU A 328 -32.88 -26.83 27.60
CA LEU A 328 -33.01 -25.80 26.58
C LEU A 328 -31.76 -24.94 26.53
N LEU A 329 -31.25 -24.51 27.68
CA LEU A 329 -30.02 -23.72 27.70
C LEU A 329 -28.85 -24.51 27.14
N GLY A 330 -28.82 -25.81 27.40
CA GLY A 330 -27.76 -26.65 26.88
C GLY A 330 -27.81 -26.73 25.37
N VAL A 331 -28.98 -27.07 24.83
CA VAL A 331 -29.12 -27.18 23.39
C VAL A 331 -28.91 -25.83 22.72
N LEU A 332 -29.14 -24.73 23.43
CA LEU A 332 -28.98 -23.41 22.83
C LEU A 332 -27.53 -22.96 22.83
N ILE A 333 -26.86 -22.96 23.99
CA ILE A 333 -25.46 -22.56 24.03
C ILE A 333 -24.57 -23.57 23.32
N SER A 334 -25.03 -24.81 23.18
CA SER A 334 -24.29 -25.79 22.39
C SER A 334 -24.13 -25.31 20.95
N MET A 335 -25.23 -24.96 20.30
CA MET A 335 -25.19 -24.49 18.92
C MET A 335 -24.71 -23.05 18.80
N PHE A 336 -24.35 -22.41 19.91
CA PHE A 336 -23.70 -21.10 19.84
C PHE A 336 -22.21 -21.23 19.54
N MET A 337 -21.57 -22.29 20.05
CA MET A 337 -20.14 -22.46 19.86
C MET A 337 -19.78 -22.65 18.39
N LEU A 338 -20.72 -23.12 17.58
CA LEU A 338 -20.46 -23.27 16.14
C LEU A 338 -20.46 -21.96 15.39
N THR A 339 -20.63 -20.81 16.08
CA THR A 339 -20.53 -19.49 15.47
C THR A 339 -19.24 -18.78 15.82
N ILE A 340 -18.37 -19.37 16.64
CA ILE A 340 -17.15 -18.73 17.12
C ILE A 340 -15.94 -19.60 16.90
N ILE A 341 -16.14 -20.88 16.56
CA ILE A 341 -15.02 -21.76 16.22
C ILE A 341 -14.44 -21.39 14.86
N LEU A 342 -15.30 -21.08 13.90
CA LEU A 342 -14.89 -21.05 12.50
C LEU A 342 -13.90 -19.94 12.15
N PRO A 343 -14.04 -18.70 12.65
CA PRO A 343 -13.01 -17.68 12.35
C PRO A 343 -11.60 -18.10 12.72
N ASN A 344 -11.44 -18.82 13.83
CA ASN A 344 -10.12 -19.29 14.22
C ASN A 344 -9.59 -20.30 13.22
N ILE A 345 -10.45 -21.18 12.69
CA ILE A 345 -10.03 -22.12 11.66
C ILE A 345 -9.59 -21.37 10.41
N THR A 346 -10.34 -20.32 10.04
CA THR A 346 -9.95 -19.51 8.90
C THR A 346 -8.57 -18.91 9.09
N GLU A 347 -8.33 -18.33 10.27
CA GLU A 347 -7.03 -17.72 10.54
C GLU A 347 -5.92 -18.75 10.56
N TYR A 348 -6.21 -19.97 11.01
CA TYR A 348 -5.19 -21.02 11.02
C TYR A 348 -4.83 -21.45 9.61
N MET A 349 -5.83 -21.66 8.76
CA MET A 349 -5.55 -21.97 7.36
C MET A 349 -4.80 -20.82 6.68
N LYS A 350 -5.11 -19.59 7.07
CA LYS A 350 -4.41 -18.43 6.54
C LYS A 350 -2.95 -18.46 6.93
N ALA A 351 -2.65 -18.80 8.18
CA ALA A 351 -1.26 -18.93 8.59
C ALA A 351 -0.56 -20.05 7.84
N LEU A 352 -1.26 -21.17 7.60
CA LEU A 352 -0.66 -22.27 6.85
C LEU A 352 -0.26 -21.84 5.45
N GLU A 353 -1.19 -21.21 4.72
CA GLU A 353 -0.84 -20.79 3.36
C GLU A 353 0.20 -19.68 3.37
N ALA A 354 0.22 -18.83 4.41
CA ALA A 354 1.27 -17.83 4.50
C ALA A 354 2.63 -18.46 4.70
N THR A 355 2.72 -19.55 5.47
CA THR A 355 4.01 -20.21 5.66
C THR A 355 4.43 -21.00 4.42
N ASN A 356 3.46 -21.54 3.68
CA ASN A 356 3.79 -22.20 2.42
C ASN A 356 4.21 -21.18 1.36
N SER A 357 3.73 -19.95 1.47
CA SER A 357 4.19 -18.85 0.63
C SER A 357 5.55 -18.31 1.05
N LEU A 358 6.23 -18.93 2.02
CA LEU A 358 7.54 -18.48 2.49
C LEU A 358 8.58 -19.59 2.47
N TYR A 359 8.19 -20.83 2.78
CA TYR A 359 9.16 -21.92 2.68
C TYR A 359 9.59 -22.13 1.23
N GLU A 360 8.75 -21.80 0.26
CA GLU A 360 9.17 -21.88 -1.12
C GLU A 360 10.22 -20.81 -1.44
N ILE A 361 10.16 -19.67 -0.76
CA ILE A 361 11.22 -18.68 -0.87
C ILE A 361 12.50 -19.20 -0.23
N ILE A 362 12.39 -19.79 0.96
CA ILE A 362 13.57 -20.33 1.63
C ILE A 362 14.13 -21.53 0.86
N ASN A 363 13.31 -22.20 0.06
CA ASN A 363 13.74 -23.36 -0.72
C ASN A 363 13.94 -23.01 -2.21
N ARG A 364 14.20 -21.75 -2.52
CA ARG A 364 14.55 -21.32 -3.86
C ARG A 364 16.06 -21.39 -4.00
N LYS A 365 16.53 -22.13 -5.00
CA LYS A 365 17.96 -22.42 -5.16
C LYS A 365 18.58 -21.47 -6.19
N PRO A 366 19.74 -20.87 -5.92
CA PRO A 366 20.41 -20.10 -6.98
C PRO A 366 21.20 -21.01 -7.91
N LEU A 367 21.53 -20.47 -9.08
CA LEU A 367 22.38 -21.21 -10.01
C LEU A 367 23.85 -21.07 -9.65
N VAL A 368 24.25 -19.92 -9.12
CA VAL A 368 25.62 -19.67 -8.71
C VAL A 368 25.68 -19.88 -7.20
N GLU A 369 26.16 -21.04 -6.78
CA GLU A 369 26.23 -21.38 -5.36
C GLU A 369 27.61 -21.05 -4.82
N ASN A 370 27.65 -20.64 -3.56
CA ASN A 370 28.90 -20.38 -2.85
C ASN A 370 29.35 -21.62 -2.06
N ASN A 371 29.41 -22.75 -2.74
CA ASN A 371 29.87 -23.99 -2.13
C ASN A 371 31.39 -23.98 -2.02
N ASP A 372 31.92 -25.01 -1.36
CA ASP A 372 33.35 -25.26 -1.28
C ASP A 372 33.76 -26.52 -2.05
N ASP A 373 32.88 -27.04 -2.90
CA ASP A 373 33.21 -28.23 -3.68
C ASP A 373 34.19 -27.90 -4.81
N GLY A 374 34.24 -26.63 -5.22
CA GLY A 374 35.12 -26.26 -6.31
C GLY A 374 36.59 -26.41 -5.95
N GLU A 375 37.38 -26.75 -6.96
CA GLU A 375 38.80 -26.91 -6.79
C GLU A 375 39.49 -25.55 -6.80
N THR A 376 40.81 -25.54 -6.63
CA THR A 376 41.61 -24.32 -6.60
C THR A 376 42.96 -24.59 -7.23
N LEU A 377 43.39 -23.70 -8.11
CA LEU A 377 44.74 -23.77 -8.65
C LEU A 377 45.74 -23.44 -7.55
N PRO A 378 47.03 -23.69 -7.76
CA PRO A 378 48.03 -23.18 -6.81
C PRO A 378 47.96 -21.66 -6.69
N ASN A 379 48.04 -20.96 -7.81
CA ASN A 379 47.64 -19.57 -7.90
C ASN A 379 47.01 -19.36 -9.28
N ILE A 380 46.31 -18.24 -9.44
CA ILE A 380 45.50 -18.01 -10.62
C ILE A 380 46.40 -17.51 -11.74
N LYS A 381 46.52 -18.30 -12.80
CA LYS A 381 47.37 -18.00 -13.94
C LYS A 381 46.52 -17.89 -15.21
N LYS A 382 46.73 -16.82 -15.97
CA LYS A 382 46.29 -16.73 -17.36
C LYS A 382 44.76 -16.90 -17.47
N ILE A 383 44.06 -15.90 -16.93
CA ILE A 383 42.61 -15.87 -17.08
C ILE A 383 42.29 -15.55 -18.54
N GLU A 384 41.78 -16.54 -19.25
CA GLU A 384 41.54 -16.45 -20.68
C GLU A 384 40.05 -16.23 -20.95
N PHE A 385 39.77 -15.31 -21.88
CA PHE A 385 38.42 -15.00 -22.32
C PHE A 385 38.32 -15.25 -23.82
N LYS A 386 37.14 -15.68 -24.26
CA LYS A 386 36.94 -15.97 -25.68
C LYS A 386 35.44 -15.96 -25.98
N ASN A 387 35.01 -15.00 -26.79
CA ASN A 387 33.64 -14.94 -27.32
C ASN A 387 32.62 -14.85 -26.18
N VAL A 388 32.80 -13.86 -25.32
CA VAL A 388 31.93 -13.70 -24.16
C VAL A 388 30.56 -13.25 -24.64
N ARG A 389 29.56 -14.13 -24.49
CA ARG A 389 28.18 -13.87 -24.92
C ARG A 389 27.26 -13.99 -23.72
N PHE A 390 26.32 -13.05 -23.60
CA PHE A 390 25.30 -13.13 -22.57
C PHE A 390 24.19 -12.14 -22.86
N HIS A 391 22.95 -12.56 -22.61
CA HIS A 391 21.77 -11.72 -22.71
C HIS A 391 21.08 -11.67 -21.36
N TYR A 392 20.25 -10.64 -21.17
CA TYR A 392 19.46 -10.53 -19.95
C TYR A 392 18.43 -11.65 -19.89
N ASP A 393 18.26 -12.22 -18.70
CA ASP A 393 17.19 -13.19 -18.50
C ASP A 393 15.82 -12.54 -18.61
N THR A 394 15.73 -11.24 -18.29
CA THR A 394 14.48 -10.52 -18.45
C THR A 394 14.20 -10.24 -19.93
N ARG A 395 15.09 -9.47 -20.56
CA ARG A 395 14.99 -9.18 -22.00
C ARG A 395 15.89 -10.18 -22.72
N LYS A 396 15.27 -11.18 -23.34
CA LYS A 396 15.97 -12.33 -23.88
C LYS A 396 16.35 -12.18 -25.35
N ASP A 397 16.38 -10.94 -25.87
CA ASP A 397 16.67 -10.69 -27.27
C ASP A 397 17.60 -9.48 -27.44
N VAL A 398 18.51 -9.26 -26.49
CA VAL A 398 19.43 -8.13 -26.53
C VAL A 398 20.79 -8.62 -26.07
N GLU A 399 21.77 -8.61 -26.98
CA GLU A 399 23.15 -8.97 -26.67
C GLU A 399 24.01 -7.72 -26.59
N ILE A 400 25.06 -7.79 -25.77
CA ILE A 400 25.92 -6.63 -25.50
C ILE A 400 27.36 -6.93 -25.90
N TYR A 401 27.76 -8.20 -25.86
CA TYR A 401 29.15 -8.59 -26.09
C TYR A 401 29.22 -9.60 -27.22
N LYS A 402 30.31 -9.52 -28.00
CA LYS A 402 30.60 -10.51 -29.04
C LYS A 402 31.92 -11.23 -28.80
N ASP A 403 33.03 -10.52 -28.69
CA ASP A 403 34.37 -11.12 -28.73
C ASP A 403 35.31 -10.48 -27.72
N LEU A 404 34.83 -10.30 -26.48
CA LEU A 404 35.73 -9.89 -25.40
C LEU A 404 36.71 -11.02 -25.13
N SER A 405 37.98 -10.83 -25.49
CA SER A 405 38.97 -11.90 -25.40
C SER A 405 40.35 -11.28 -25.25
N PHE A 406 41.01 -11.57 -24.14
CA PHE A 406 42.40 -11.19 -23.92
C PHE A 406 42.90 -11.95 -22.69
N THR A 407 44.19 -11.79 -22.40
CA THR A 407 44.88 -12.60 -21.39
C THR A 407 45.27 -11.73 -20.20
N LEU A 408 45.29 -12.37 -19.02
CA LEU A 408 45.61 -11.70 -17.76
C LEU A 408 46.47 -12.63 -16.94
N LYS A 409 47.73 -12.26 -16.73
CA LYS A 409 48.71 -13.08 -16.03
C LYS A 409 49.46 -12.26 -15.00
N GLU A 410 49.90 -12.94 -13.94
CA GLU A 410 50.52 -12.28 -12.81
C GLU A 410 51.80 -11.56 -13.22
N GLY A 411 52.09 -10.46 -12.53
CA GLY A 411 53.29 -9.68 -12.77
C GLY A 411 53.16 -8.62 -13.83
N LYS A 412 51.93 -8.24 -14.19
CA LYS A 412 51.67 -7.31 -15.28
C LYS A 412 50.96 -6.07 -14.75
N THR A 413 51.12 -4.98 -15.50
CA THR A 413 50.37 -3.75 -15.28
C THR A 413 49.47 -3.49 -16.48
N TYR A 414 48.45 -2.68 -16.28
CA TYR A 414 47.44 -2.45 -17.30
C TYR A 414 46.82 -1.08 -17.09
N ALA A 415 45.93 -0.72 -18.01
CA ALA A 415 45.11 0.48 -17.91
C ALA A 415 43.99 0.35 -18.92
N PHE A 416 42.75 0.61 -18.50
CA PHE A 416 41.58 0.41 -19.36
C PHE A 416 40.63 1.57 -19.18
N VAL A 417 39.85 1.82 -20.23
CA VAL A 417 38.81 2.86 -20.20
C VAL A 417 37.67 2.37 -21.07
N GLY A 418 36.44 2.74 -20.67
CA GLY A 418 35.27 2.42 -21.45
C GLY A 418 34.33 3.62 -21.51
N GLU A 419 33.46 3.59 -22.53
CA GLU A 419 32.47 4.64 -22.68
C GLU A 419 31.45 4.56 -21.53
N SER A 420 30.57 5.56 -21.46
CA SER A 420 29.60 5.67 -20.39
C SER A 420 28.33 4.84 -20.64
N GLY A 421 28.37 3.90 -21.59
CA GLY A 421 27.24 3.01 -21.82
C GLY A 421 27.68 1.61 -22.20
N CYS A 422 28.93 1.25 -21.86
CA CYS A 422 29.46 -0.05 -22.24
C CYS A 422 28.75 -1.18 -21.49
N GLY A 423 28.73 -1.10 -20.17
CA GLY A 423 28.31 -2.19 -19.32
C GLY A 423 29.50 -2.81 -18.62
N LYS A 424 30.46 -1.97 -18.22
CA LYS A 424 31.59 -2.46 -17.43
C LYS A 424 31.12 -3.08 -16.13
N SER A 425 29.96 -2.63 -15.63
CA SER A 425 29.30 -3.31 -14.53
C SER A 425 29.14 -4.79 -14.83
N THR A 426 28.71 -5.12 -16.05
CA THR A 426 28.56 -6.52 -16.42
C THR A 426 29.90 -7.24 -16.41
N ILE A 427 30.95 -6.55 -16.86
CA ILE A 427 32.29 -7.16 -16.86
C ILE A 427 32.70 -7.53 -15.44
N LEU A 428 32.61 -6.57 -14.52
CA LEU A 428 33.05 -6.87 -13.16
C LEU A 428 32.12 -7.85 -12.47
N LYS A 429 30.83 -7.85 -12.82
CA LYS A 429 29.93 -8.87 -12.28
C LYS A 429 30.34 -10.26 -12.73
N LEU A 430 30.82 -10.38 -13.97
CA LEU A 430 31.27 -11.68 -14.45
C LEU A 430 32.66 -12.05 -13.93
N ILE A 431 33.49 -11.06 -13.61
CA ILE A 431 34.70 -11.35 -12.84
C ILE A 431 34.32 -11.91 -11.48
N GLU A 432 33.34 -11.30 -10.83
CA GLU A 432 32.83 -11.76 -9.55
C GLU A 432 31.88 -12.95 -9.69
N ARG A 433 31.43 -13.26 -10.92
CA ARG A 433 30.50 -14.34 -11.18
C ARG A 433 29.19 -14.13 -10.43
N LEU A 434 28.55 -12.99 -10.73
CA LEU A 434 27.12 -12.85 -10.46
C LEU A 434 26.30 -13.50 -11.56
N TYR A 435 26.83 -13.52 -12.77
CA TYR A 435 26.22 -14.17 -13.93
C TYR A 435 27.24 -15.09 -14.57
N ASP A 436 26.80 -15.82 -15.60
CA ASP A 436 27.66 -16.68 -16.40
C ASP A 436 27.33 -16.46 -17.87
N PRO A 437 28.30 -16.71 -18.78
CA PRO A 437 28.02 -16.44 -20.20
C PRO A 437 27.03 -17.44 -20.79
N THR A 438 26.65 -17.22 -22.05
CA THR A 438 25.79 -18.14 -22.79
C THR A 438 26.56 -18.98 -23.80
N GLU A 439 27.63 -18.42 -24.38
CA GLU A 439 28.49 -19.13 -25.32
C GLU A 439 29.97 -18.98 -25.04
N GLY A 440 30.40 -17.97 -24.27
CA GLY A 440 31.80 -17.72 -24.03
C GLY A 440 32.45 -18.70 -23.08
N ASP A 441 33.51 -18.23 -22.42
CA ASP A 441 34.29 -19.09 -21.54
C ASP A 441 35.10 -18.23 -20.59
N ILE A 442 35.42 -18.82 -19.44
CA ILE A 442 36.22 -18.16 -18.40
C ILE A 442 37.43 -19.06 -18.15
N ILE A 443 37.96 -19.65 -19.23
CA ILE A 443 39.13 -20.52 -19.10
C ILE A 443 40.25 -19.80 -18.38
N VAL A 444 40.90 -20.53 -17.47
CA VAL A 444 42.02 -20.01 -16.67
C VAL A 444 43.16 -21.01 -16.74
N ASN A 445 44.38 -20.50 -16.90
CA ASN A 445 45.59 -21.32 -16.95
C ASN A 445 45.60 -22.31 -18.13
N ASP A 446 44.77 -22.03 -19.14
CA ASP A 446 44.45 -22.84 -20.32
C ASP A 446 44.22 -24.31 -20.01
N SER A 447 43.69 -24.63 -18.83
CA SER A 447 43.37 -25.99 -18.44
C SER A 447 42.08 -26.13 -17.65
N HIS A 448 41.56 -25.01 -17.11
CA HIS A 448 40.47 -25.05 -16.14
C HIS A 448 39.57 -23.85 -16.34
N ASN A 449 38.26 -24.10 -16.40
CA ASN A 449 37.27 -23.03 -16.46
C ASN A 449 36.86 -22.64 -15.04
N LEU A 450 36.23 -21.47 -14.93
CA LEU A 450 35.83 -20.96 -13.61
C LEU A 450 34.84 -21.87 -12.92
N LYS A 451 34.06 -22.65 -13.67
CA LYS A 451 33.07 -23.51 -13.05
C LYS A 451 33.71 -24.57 -12.16
N ASP A 452 34.88 -25.06 -12.54
CA ASP A 452 35.61 -26.00 -11.69
C ASP A 452 36.23 -25.31 -10.48
N ILE A 453 36.42 -24.00 -10.54
CA ILE A 453 37.11 -23.27 -9.48
C ILE A 453 36.10 -22.87 -8.41
N ASN A 454 36.54 -22.92 -7.16
CA ASN A 454 35.70 -22.55 -6.02
C ASN A 454 35.35 -21.06 -6.10
N LEU A 455 34.05 -20.76 -6.16
CA LEU A 455 33.60 -19.37 -6.08
C LEU A 455 34.12 -18.69 -4.82
N LYS A 456 34.11 -19.41 -3.70
CA LYS A 456 34.62 -18.85 -2.45
C LYS A 456 36.09 -18.47 -2.59
N TRP A 457 36.92 -19.42 -3.04
CA TRP A 457 38.34 -19.12 -3.24
C TRP A 457 38.52 -18.04 -4.29
N TRP A 458 37.66 -18.02 -5.29
CA TRP A 458 37.78 -17.03 -6.36
C TRP A 458 37.58 -15.61 -5.83
N ARG A 459 36.46 -15.38 -5.15
CA ARG A 459 36.23 -14.05 -4.56
C ARG A 459 37.22 -13.76 -3.44
N SER A 460 37.77 -14.80 -2.81
CA SER A 460 38.75 -14.59 -1.74
C SER A 460 39.99 -13.89 -2.28
N LYS A 461 40.48 -14.35 -3.43
CA LYS A 461 41.71 -13.85 -4.02
C LYS A 461 41.46 -12.74 -5.03
N ILE A 462 40.40 -11.95 -4.82
CA ILE A 462 40.08 -10.82 -5.68
C ILE A 462 39.75 -9.62 -4.78
N GLY A 463 40.56 -8.57 -4.89
CA GLY A 463 40.25 -7.30 -4.28
C GLY A 463 39.44 -6.42 -5.22
N VAL A 464 38.29 -5.93 -4.76
CA VAL A 464 37.37 -5.15 -5.59
C VAL A 464 37.18 -3.77 -4.97
N VAL A 465 36.98 -2.78 -5.84
CA VAL A 465 36.55 -1.45 -5.44
C VAL A 465 35.51 -0.99 -6.45
N SER A 466 34.47 -0.32 -5.98
CA SER A 466 33.29 0.03 -6.78
C SER A 466 33.15 1.55 -6.85
N GLN A 467 32.00 1.98 -7.40
CA GLN A 467 31.82 3.40 -7.74
C GLN A 467 31.72 4.25 -6.49
N ASP A 468 30.66 4.04 -5.69
CA ASP A 468 30.26 4.99 -4.67
C ASP A 468 30.57 4.46 -3.27
N PRO A 469 30.89 5.33 -2.29
CA PRO A 469 31.15 4.83 -0.93
C PRO A 469 29.87 4.64 -0.10
N LEU A 470 29.22 3.51 -0.33
CA LEU A 470 28.03 3.10 0.41
C LEU A 470 28.45 2.00 1.36
N LEU A 471 28.88 2.39 2.55
CA LEU A 471 29.47 1.48 3.54
C LEU A 471 28.58 1.41 4.78
N PHE A 472 29.00 0.57 5.72
CA PHE A 472 28.22 0.29 6.92
C PHE A 472 28.40 1.44 7.91
N SER A 473 27.97 1.23 9.16
CA SER A 473 28.12 2.19 10.23
C SER A 473 28.68 1.57 11.51
N ASN A 474 29.49 0.52 11.38
CA ASN A 474 30.00 -0.17 12.56
C ASN A 474 31.13 0.63 13.22
N SER A 475 32.20 0.89 12.48
CA SER A 475 33.33 1.69 12.97
C SER A 475 34.24 1.95 11.79
N ILE A 476 35.39 2.55 12.06
CA ILE A 476 36.39 2.75 11.01
C ILE A 476 37.10 1.43 10.72
N LYS A 477 37.74 0.86 11.73
CA LYS A 477 38.55 -0.34 11.57
C LYS A 477 37.73 -1.59 11.28
N ASN A 478 36.51 -1.69 11.81
CA ASN A 478 35.72 -2.90 11.62
C ASN A 478 35.32 -3.12 10.16
N ASN A 479 35.36 -2.06 9.34
CA ASN A 479 35.22 -2.25 7.90
C ASN A 479 36.47 -2.81 7.25
N ILE A 480 37.56 -2.97 8.01
CA ILE A 480 38.88 -3.23 7.46
C ILE A 480 39.42 -4.57 7.97
N LYS A 481 39.26 -4.85 9.26
CA LYS A 481 39.84 -6.07 9.83
C LYS A 481 38.93 -7.28 9.63
N TYR A 482 37.62 -7.07 9.51
CA TYR A 482 36.70 -8.17 9.24
C TYR A 482 36.86 -8.75 7.83
N SER A 483 37.63 -8.10 6.96
CA SER A 483 37.80 -8.59 5.59
C SER A 483 38.45 -9.97 5.58
N LEU A 484 39.61 -10.08 6.23
CA LEU A 484 40.42 -11.29 6.17
C LEU A 484 39.71 -12.53 6.71
N TYR A 485 38.56 -12.37 7.37
CA TYR A 485 37.74 -13.52 7.74
C TYR A 485 37.52 -14.42 6.53
N SER A 486 37.26 -13.82 5.36
CA SER A 486 37.04 -14.59 4.15
C SER A 486 38.18 -15.54 3.83
N LEU A 487 39.39 -15.23 4.28
CA LEU A 487 40.52 -16.14 4.25
C LEU A 487 40.76 -16.87 5.57
N LYS A 488 40.54 -16.20 6.70
CA LYS A 488 40.93 -16.81 7.97
C LYS A 488 40.05 -17.99 8.33
N ASP A 489 38.83 -18.02 7.81
CA ASP A 489 37.99 -19.21 7.96
C ASP A 489 38.71 -20.44 7.43
N LEU A 490 39.43 -20.29 6.32
CA LEU A 490 40.16 -21.40 5.74
C LEU A 490 41.27 -21.89 6.65
N GLU A 491 41.74 -21.07 7.58
CA GLU A 491 42.75 -21.54 8.52
C GLU A 491 42.19 -22.57 9.49
N ALA A 492 40.87 -22.58 9.69
CA ALA A 492 40.23 -23.43 10.68
C ALA A 492 39.22 -24.40 10.09
N MET A 493 38.62 -24.09 8.94
CA MET A 493 37.60 -24.96 8.37
C MET A 493 38.21 -26.28 7.88
N GLU A 494 39.37 -26.22 7.24
CA GLU A 494 40.06 -27.40 6.75
C GLU A 494 41.05 -27.98 7.76
N ASN A 495 41.30 -27.28 8.86
CA ASN A 495 42.27 -27.72 9.87
C ASN A 495 41.65 -28.61 10.93
N TYR A 496 40.65 -28.10 11.65
CA TYR A 496 39.96 -28.87 12.68
C TYR A 496 38.71 -29.53 12.10
N LEU A 523 34.55 -23.99 17.40
CA LEU A 523 34.98 -23.39 16.13
C LEU A 523 36.05 -22.34 16.38
N GLU A 524 37.27 -22.62 15.90
CA GLU A 524 38.38 -21.68 16.06
C GLU A 524 38.20 -20.41 15.23
N MET A 525 37.26 -20.39 14.29
CA MET A 525 37.01 -19.18 13.52
C MET A 525 36.47 -18.07 14.39
N LYS A 526 35.66 -18.41 15.39
CA LYS A 526 35.02 -17.41 16.23
C LYS A 526 36.02 -16.65 17.09
N LYS A 527 37.07 -17.33 17.55
CA LYS A 527 38.00 -16.75 18.50
C LYS A 527 39.09 -15.91 17.83
N GLU A 528 39.39 -16.18 16.57
CA GLU A 528 40.43 -15.44 15.85
C GLU A 528 39.92 -14.13 15.25
N TYR A 529 38.73 -13.69 15.64
CA TYR A 529 38.24 -12.38 15.18
C TYR A 529 39.08 -11.25 15.77
N GLN A 530 39.27 -11.26 17.08
CA GLN A 530 40.06 -10.24 17.75
C GLN A 530 41.55 -10.39 17.45
N THR A 531 41.99 -11.55 16.97
CA THR A 531 43.42 -11.80 16.76
C THR A 531 44.00 -10.80 15.77
N ILE A 532 43.28 -10.48 14.71
CA ILE A 532 43.70 -9.43 13.80
C ILE A 532 43.61 -8.11 14.56
N LYS A 533 44.75 -7.53 14.91
CA LYS A 533 44.79 -6.34 15.72
C LYS A 533 44.79 -5.10 14.81
N ASP A 534 45.07 -3.94 15.40
CA ASP A 534 44.99 -2.65 14.72
C ASP A 534 46.28 -2.28 13.99
N SER A 535 47.05 -3.28 13.56
CA SER A 535 48.37 -3.02 12.98
C SER A 535 48.24 -2.44 11.57
N ASP A 536 47.57 -3.17 10.68
CA ASP A 536 47.57 -2.80 9.27
C ASP A 536 46.81 -1.52 8.99
N VAL A 537 45.87 -1.12 9.85
CA VAL A 537 45.13 0.12 9.62
C VAL A 537 46.09 1.29 9.56
N VAL A 538 47.13 1.28 10.40
CA VAL A 538 48.08 2.37 10.46
C VAL A 538 48.77 2.56 9.11
N ASP A 539 49.42 1.50 8.61
CA ASP A 539 50.20 1.66 7.40
C ASP A 539 49.31 1.85 6.18
N VAL A 540 48.17 1.15 6.12
CA VAL A 540 47.30 1.32 4.96
C VAL A 540 46.60 2.67 5.00
N SER A 541 46.58 3.34 6.16
CA SER A 541 46.13 4.73 6.23
C SER A 541 47.24 5.68 5.80
N LYS A 542 48.48 5.38 6.20
CA LYS A 542 49.61 6.21 5.76
C LYS A 542 49.77 6.19 4.25
N LYS A 543 49.48 5.05 3.61
CA LYS A 543 49.65 4.95 2.16
C LYS A 543 48.69 5.87 1.42
N VAL A 544 47.43 5.88 1.81
CA VAL A 544 46.38 6.61 1.09
C VAL A 544 46.24 8.04 1.61
N LEU A 545 47.18 8.49 2.45
CA LEU A 545 47.22 9.84 2.99
C LEU A 545 46.04 10.18 3.89
N ILE A 546 45.21 9.19 4.26
CA ILE A 546 44.15 9.43 5.24
C ILE A 546 44.69 9.47 6.66
N HIS A 547 45.95 9.05 6.87
CA HIS A 547 46.56 9.12 8.18
C HIS A 547 46.60 10.54 8.72
N ASP A 548 46.72 11.52 7.84
CA ASP A 548 46.79 12.91 8.27
C ASP A 548 45.48 13.34 8.92
N PHE A 549 44.36 13.04 8.28
CA PHE A 549 43.06 13.50 8.78
C PHE A 549 42.58 12.67 9.97
N VAL A 550 42.74 11.35 9.90
CA VAL A 550 42.25 10.49 10.98
C VAL A 550 43.01 10.77 12.27
N SER A 551 44.28 11.19 12.17
CA SER A 551 45.06 11.56 13.33
C SER A 551 44.86 13.01 13.76
N SER A 552 43.91 13.72 13.14
CA SER A 552 43.64 15.12 13.43
C SER A 552 42.37 15.32 14.25
N LEU A 553 41.23 14.81 13.78
CA LEU A 553 39.98 14.95 14.49
C LEU A 553 39.96 14.00 15.69
N PRO A 554 39.16 14.29 16.72
CA PRO A 554 39.13 13.41 17.89
C PRO A 554 38.52 12.07 17.54
N ASP A 555 38.81 11.08 18.41
CA ASP A 555 38.35 9.70 18.23
C ASP A 555 38.85 9.16 16.89
N LYS A 556 40.17 9.01 16.81
CA LYS A 556 40.87 8.71 15.58
C LYS A 556 40.36 7.45 14.89
N TYR A 557 40.55 6.30 15.52
CA TYR A 557 40.02 5.03 15.02
C TYR A 557 38.78 4.59 15.78
N ASP A 558 38.03 5.54 16.34
CA ASP A 558 36.88 5.27 17.19
C ASP A 558 35.59 5.89 16.67
N THR A 559 35.63 7.12 16.17
CA THR A 559 34.42 7.73 15.61
C THR A 559 34.02 6.96 14.36
N LEU A 560 32.87 6.30 14.43
CA LEU A 560 32.46 5.38 13.39
C LEU A 560 32.21 6.08 12.06
N VAL A 561 32.43 5.34 10.97
CA VAL A 561 31.92 5.75 9.67
C VAL A 561 30.41 5.93 9.79
N GLY A 562 29.90 7.04 9.27
CA GLY A 562 28.55 7.50 9.58
C GLY A 562 27.41 6.51 9.37
N SER A 563 26.22 6.89 9.84
CA SER A 563 25.03 6.06 9.70
C SER A 563 24.73 5.83 8.22
N ASN A 564 24.90 4.58 7.76
CA ASN A 564 24.87 4.25 6.34
C ASN A 564 25.88 5.10 5.58
N ALA A 565 27.03 5.36 6.20
CA ALA A 565 28.11 6.14 5.61
C ALA A 565 27.63 7.55 5.22
N SER A 566 27.27 8.32 6.25
CA SER A 566 26.65 9.64 6.08
C SER A 566 27.45 10.80 6.70
N LYS A 567 28.46 10.52 7.51
CA LYS A 567 29.13 11.56 8.30
C LYS A 567 30.36 12.12 7.59
N LEU A 568 31.30 11.25 7.23
CA LEU A 568 32.60 11.67 6.72
C LEU A 568 32.54 11.85 5.19
N SER A 569 33.67 12.30 4.63
CA SER A 569 33.75 12.59 3.21
C SER A 569 33.71 11.32 2.38
N GLY A 570 33.35 11.47 1.11
CA GLY A 570 33.18 10.33 0.22
C GLY A 570 34.47 9.75 -0.29
N GLY A 571 35.38 10.60 -0.76
CA GLY A 571 36.64 10.12 -1.28
C GLY A 571 37.47 9.40 -0.22
N GLN A 572 37.36 9.84 1.02
CA GLN A 572 38.06 9.15 2.10
C GLN A 572 37.44 7.79 2.37
N LYS A 573 36.12 7.65 2.20
CA LYS A 573 35.52 6.33 2.27
C LYS A 573 35.95 5.47 1.09
N GLN A 574 36.20 6.06 -0.06
CA GLN A 574 36.78 5.29 -1.15
C GLN A 574 38.20 4.88 -0.82
N ARG A 575 38.94 5.70 -0.07
CA ARG A 575 40.23 5.27 0.43
C ARG A 575 40.08 4.07 1.36
N ILE A 576 39.03 4.07 2.19
CA ILE A 576 38.75 2.90 3.02
C ILE A 576 38.50 1.67 2.16
N SER A 577 37.74 1.84 1.08
CA SER A 577 37.47 0.72 0.18
C SER A 577 38.76 0.21 -0.46
N ILE A 578 39.63 1.14 -0.86
CA ILE A 578 40.92 0.78 -1.44
C ILE A 578 41.75 0.02 -0.40
N ALA A 579 41.67 0.45 0.86
CA ALA A 579 42.40 -0.24 1.91
C ALA A 579 41.85 -1.64 2.13
N ARG A 580 40.54 -1.80 1.98
CA ARG A 580 39.94 -3.13 2.02
C ARG A 580 40.51 -4.01 0.91
N ALA A 581 40.53 -3.48 -0.32
CA ALA A 581 41.02 -4.27 -1.44
C ALA A 581 42.49 -4.63 -1.25
N ILE A 582 43.29 -3.70 -0.74
CA ILE A 582 44.71 -3.95 -0.55
C ILE A 582 44.95 -4.97 0.56
N MET A 583 44.28 -4.79 1.69
CA MET A 583 44.60 -5.55 2.88
C MET A 583 44.18 -7.01 2.80
N ARG A 584 43.13 -7.32 2.03
CA ARG A 584 42.64 -8.69 2.01
C ARG A 584 43.56 -9.65 1.24
N ASN A 585 44.68 -9.18 0.71
CA ASN A 585 45.71 -10.03 0.12
C ASN A 585 45.18 -10.91 -1.02
N PRO A 586 44.67 -10.31 -2.09
CA PRO A 586 44.30 -11.11 -3.26
C PRO A 586 45.51 -11.32 -4.16
N LYS A 587 45.62 -12.56 -4.67
CA LYS A 587 46.61 -12.83 -5.71
C LYS A 587 46.37 -11.98 -6.96
N ILE A 588 45.14 -11.50 -7.14
CA ILE A 588 44.77 -10.63 -8.26
C ILE A 588 44.02 -9.44 -7.67
N LEU A 589 44.71 -8.30 -7.54
CA LEU A 589 44.13 -7.10 -6.97
C LEU A 589 43.60 -6.22 -8.11
N ILE A 590 42.29 -6.01 -8.13
CA ILE A 590 41.59 -5.34 -9.23
C ILE A 590 40.98 -4.05 -8.68
N LEU A 591 40.82 -3.06 -9.57
CA LEU A 591 40.13 -1.82 -9.26
C LEU A 591 39.26 -1.44 -10.44
N ASP A 592 38.02 -1.03 -10.16
CA ASP A 592 37.08 -0.57 -11.17
C ASP A 592 36.53 0.78 -10.75
N GLU A 593 36.62 1.76 -11.65
CA GLU A 593 36.32 3.15 -11.34
C GLU A 593 37.09 3.60 -10.10
N ALA A 594 38.38 3.31 -10.13
CA ALA A 594 39.24 3.57 -8.98
C ALA A 594 39.33 5.05 -8.66
N THR A 595 39.34 5.90 -9.69
CA THR A 595 39.63 7.33 -9.55
C THR A 595 38.61 8.15 -10.33
N SER A 596 37.33 7.84 -10.11
CA SER A 596 36.27 8.42 -10.93
C SER A 596 36.16 9.93 -10.74
N SER A 597 36.23 10.42 -9.50
CA SER A 597 35.98 11.82 -9.18
C SER A 597 37.00 12.36 -8.19
N LEU A 598 38.28 12.09 -8.45
CA LEU A 598 39.37 12.60 -7.63
C LEU A 598 39.97 13.86 -8.23
N ASP A 599 40.69 14.59 -7.39
CA ASP A 599 41.53 15.70 -7.83
C ASP A 599 42.84 15.13 -8.37
N ASN A 600 43.84 15.98 -8.58
CA ASN A 600 45.04 15.56 -9.29
C ASN A 600 46.02 14.82 -8.39
N LYS A 601 46.50 15.48 -7.34
CA LYS A 601 47.65 14.97 -6.59
C LYS A 601 47.29 13.73 -5.79
N SER A 602 46.16 13.74 -5.09
CA SER A 602 45.76 12.56 -4.32
C SER A 602 45.54 11.37 -5.24
N GLU A 603 44.94 11.61 -6.41
CA GLU A 603 44.78 10.55 -7.40
C GLU A 603 46.12 10.00 -7.84
N TYR A 604 47.09 10.87 -8.12
CA TYR A 604 48.39 10.39 -8.57
C TYR A 604 49.10 9.60 -7.48
N LEU A 605 48.97 10.03 -6.23
CA LEU A 605 49.58 9.30 -5.14
C LEU A 605 48.91 7.95 -4.93
N VAL A 606 47.60 7.89 -5.13
CA VAL A 606 46.89 6.60 -5.07
C VAL A 606 47.38 5.68 -6.18
N GLN A 607 47.57 6.27 -7.35
CA GLN A 607 48.10 5.50 -8.47
C GLN A 607 49.47 4.93 -8.13
N LYS A 608 50.37 5.75 -7.57
CA LYS A 608 51.69 5.32 -7.14
C LYS A 608 51.59 4.23 -6.07
N THR A 609 50.55 4.29 -5.24
CA THR A 609 50.37 3.27 -4.23
C THR A 609 49.97 1.93 -4.85
N ILE A 610 49.03 1.97 -5.80
CA ILE A 610 48.51 0.73 -6.37
C ILE A 610 49.56 0.04 -7.23
N ASN A 611 50.20 0.80 -8.13
CA ASN A 611 51.10 0.17 -9.08
C ASN A 611 52.36 -0.38 -8.42
N ASN A 612 52.65 -0.01 -7.18
CA ASN A 612 53.86 -0.42 -6.47
C ASN A 612 53.55 -0.85 -5.04
N LEU A 613 52.54 -1.71 -4.87
CA LEU A 613 52.26 -2.30 -3.57
C LEU A 613 53.38 -3.28 -3.21
N LYS A 614 53.34 -3.77 -1.97
CA LYS A 614 54.30 -4.78 -1.51
C LYS A 614 54.25 -6.00 -2.41
N GLY A 615 55.39 -6.32 -3.02
CA GLY A 615 55.49 -7.46 -3.91
C GLY A 615 54.56 -7.38 -5.11
N ASN A 616 54.80 -6.42 -6.00
CA ASN A 616 53.97 -6.28 -7.20
C ASN A 616 54.37 -7.22 -8.32
N GLU A 617 55.37 -8.09 -8.11
CA GLU A 617 55.75 -9.04 -9.15
C GLU A 617 54.72 -10.15 -9.33
N ASN A 618 53.82 -10.36 -8.36
CA ASN A 618 52.77 -11.39 -8.43
C ASN A 618 51.42 -10.72 -8.18
N ARG A 619 50.84 -10.17 -9.24
CA ARG A 619 49.55 -9.50 -9.18
C ARG A 619 49.17 -9.10 -10.60
N ILE A 620 47.92 -8.68 -10.75
CA ILE A 620 47.38 -8.17 -12.01
C ILE A 620 46.65 -6.87 -11.67
N THR A 621 47.33 -5.74 -11.83
CA THR A 621 46.83 -4.46 -11.34
C THR A 621 45.99 -3.75 -12.40
N ILE A 622 44.91 -4.41 -12.77
CA ILE A 622 43.93 -3.81 -13.69
C ILE A 622 43.33 -2.57 -13.04
N ILE A 623 43.23 -1.50 -13.83
CA ILE A 623 42.69 -0.23 -13.37
C ILE A 623 41.75 0.29 -14.45
N ILE A 624 40.61 0.85 -14.03
CA ILE A 624 39.63 1.44 -14.94
C ILE A 624 39.35 2.84 -14.42
N ALA A 625 40.11 3.82 -14.93
CA ALA A 625 39.88 5.23 -14.66
C ALA A 625 39.05 5.84 -15.78
N HIS A 626 38.47 7.01 -15.49
CA HIS A 626 37.69 7.75 -16.47
C HIS A 626 38.29 9.11 -16.81
N ARG A 627 39.51 9.39 -16.34
CA ARG A 627 40.30 10.53 -16.79
C ARG A 627 41.48 9.98 -17.59
N LEU A 628 41.66 10.52 -18.80
CA LEU A 628 42.60 9.93 -19.74
C LEU A 628 44.04 10.40 -19.55
N SER A 629 44.29 11.32 -18.62
CA SER A 629 45.64 11.73 -18.29
C SER A 629 46.33 10.80 -17.31
N THR A 630 45.69 9.67 -16.94
CA THR A 630 46.21 8.76 -15.93
C THR A 630 46.30 7.32 -16.42
N ILE A 631 46.29 7.10 -17.74
CA ILE A 631 46.45 5.78 -18.35
C ILE A 631 47.84 5.71 -18.96
N ARG A 632 48.79 6.40 -18.34
CA ARG A 632 50.13 6.54 -18.90
C ARG A 632 50.81 5.19 -19.06
N TYR A 633 51.02 4.47 -17.95
CA TYR A 633 51.65 3.17 -17.99
C TYR A 633 50.62 2.11 -18.32
N ALA A 634 50.95 1.24 -19.29
CA ALA A 634 50.05 0.15 -19.66
C ALA A 634 50.78 -0.87 -20.52
N ASN A 635 50.74 -2.15 -20.12
CA ASN A 635 51.26 -3.19 -21.00
C ASN A 635 50.35 -3.41 -22.21
N THR A 636 49.05 -3.11 -22.06
CA THR A 636 48.13 -3.11 -23.19
C THR A 636 46.86 -2.40 -22.75
N ILE A 637 46.21 -1.73 -23.69
CA ILE A 637 45.00 -0.94 -23.43
C ILE A 637 43.92 -1.45 -24.38
N PHE A 638 43.09 -2.38 -23.91
CA PHE A 638 42.01 -2.95 -24.70
C PHE A 638 40.74 -2.11 -24.53
N VAL A 639 40.75 -0.95 -25.17
CA VAL A 639 39.55 -0.10 -25.23
C VAL A 639 38.68 -0.59 -26.37
N LEU A 640 37.37 -0.62 -26.13
CA LEU A 640 36.42 -1.29 -27.01
C LEU A 640 35.29 -0.35 -27.41
N SER A 641 34.54 -0.78 -28.42
CA SER A 641 33.32 -0.10 -28.85
C SER A 641 32.39 -1.13 -29.46
N ASN A 642 31.21 -0.67 -29.87
CA ASN A 642 30.20 -1.54 -30.46
C ASN A 642 29.49 -0.87 -31.64
N ARG A 643 30.20 -0.02 -32.38
CA ARG A 643 29.63 0.67 -33.53
C ARG A 643 30.68 0.84 -34.62
N ASN A 670 23.71 -3.18 -33.46
CA ASN A 670 24.29 -3.24 -32.13
C ASN A 670 23.92 -4.54 -31.43
N GLU A 671 24.66 -5.60 -31.77
CA GLU A 671 24.46 -6.92 -31.20
C GLU A 671 25.64 -7.41 -30.38
N GLY A 672 26.72 -6.63 -30.30
CA GLY A 672 27.88 -7.08 -29.55
C GLY A 672 29.09 -6.19 -29.72
N SER A 673 29.83 -5.98 -28.65
CA SER A 673 31.02 -5.14 -28.67
C SER A 673 32.21 -5.93 -29.21
N TYR A 674 33.30 -5.20 -29.47
CA TYR A 674 34.54 -5.81 -29.90
C TYR A 674 35.66 -4.79 -29.72
N ILE A 675 36.84 -5.27 -29.34
CA ILE A 675 37.92 -4.38 -28.92
C ILE A 675 38.48 -3.65 -30.14
N ILE A 676 38.08 -2.40 -30.30
CA ILE A 676 38.52 -1.60 -31.46
C ILE A 676 39.99 -1.20 -31.31
N GLU A 677 40.43 -0.88 -30.11
CA GLU A 677 41.74 -0.30 -29.86
C GLU A 677 42.61 -1.28 -29.09
N GLN A 678 43.87 -1.41 -29.52
CA GLN A 678 44.82 -2.32 -28.89
C GLN A 678 46.21 -1.72 -28.99
N GLY A 679 46.84 -1.47 -27.86
CA GLY A 679 48.16 -0.90 -27.84
C GLY A 679 48.49 -0.27 -26.50
N THR A 680 49.71 0.24 -26.41
CA THR A 680 50.18 0.95 -25.23
C THR A 680 49.76 2.42 -25.33
N HIS A 681 50.09 3.18 -24.28
CA HIS A 681 49.64 4.57 -24.23
C HIS A 681 50.30 5.40 -25.32
N ASP A 682 51.57 5.15 -25.61
CA ASP A 682 52.29 5.95 -26.59
C ASP A 682 51.93 5.55 -28.02
N SER A 683 51.82 4.25 -28.27
CA SER A 683 51.60 3.72 -29.62
C SER A 683 50.13 3.50 -29.93
N LEU A 684 49.23 4.28 -29.33
CA LEU A 684 47.80 4.14 -29.57
C LEU A 684 47.09 5.48 -29.81
N MET A 685 47.63 6.60 -29.35
CA MET A 685 47.11 7.92 -29.67
C MET A 685 47.64 8.47 -30.99
N LYS A 686 48.95 8.34 -31.23
CA LYS A 686 49.53 8.73 -32.50
C LYS A 686 49.40 7.67 -33.58
N ASN A 687 48.68 6.57 -33.30
CA ASN A 687 48.53 5.50 -34.27
C ASN A 687 47.86 6.01 -35.53
N LYS A 688 46.58 6.40 -35.42
CA LYS A 688 45.81 6.95 -36.51
C LYS A 688 44.89 8.03 -35.94
N ASN A 689 44.02 8.59 -36.77
CA ASN A 689 42.97 9.50 -36.30
C ASN A 689 41.70 8.71 -35.98
N GLY A 690 41.85 7.77 -35.04
CA GLY A 690 40.80 6.85 -34.69
C GLY A 690 39.95 7.33 -33.53
N ILE A 691 39.35 6.36 -32.83
CA ILE A 691 38.46 6.68 -31.72
C ILE A 691 39.27 7.12 -30.50
N TYR A 692 40.30 6.36 -30.15
CA TYR A 692 41.17 6.75 -29.03
C TYR A 692 41.82 8.10 -29.29
N HIS A 693 42.09 8.42 -30.56
CA HIS A 693 42.59 9.75 -30.89
C HIS A 693 41.58 10.83 -30.53
N LEU A 694 40.31 10.61 -30.85
CA LEU A 694 39.28 11.58 -30.48
C LEU A 694 39.14 11.67 -28.97
N MET A 695 39.27 10.54 -28.27
CA MET A 695 39.14 10.54 -26.82
C MET A 695 40.26 11.35 -26.18
N ILE A 696 41.51 11.10 -26.56
CA ILE A 696 42.62 11.87 -26.02
C ILE A 696 42.60 13.31 -26.53
N ASN A 697 41.93 13.59 -27.64
CA ASN A 697 41.81 14.96 -28.13
C ASN A 697 40.83 15.76 -27.28
N ASN A 698 39.66 15.18 -27.00
CA ASN A 698 38.62 15.92 -26.29
C ASN A 698 39.03 16.19 -24.84
N GLN A 699 39.34 15.13 -24.08
CA GLN A 699 39.74 15.30 -22.68
C GLN A 699 41.16 15.84 -22.57
N LYS A 700 42.13 15.10 -23.10
CA LYS A 700 43.54 15.45 -23.02
C LYS A 700 43.96 15.61 -21.56
N ALA A 776 -14.89 25.33 15.26
CA ALA A 776 -14.62 23.92 15.03
C ALA A 776 -15.88 23.05 15.04
N PRO A 777 -16.68 23.08 16.12
CA PRO A 777 -17.90 22.25 16.12
C PRO A 777 -18.95 22.73 15.15
N ASN A 778 -18.83 23.97 14.65
CA ASN A 778 -19.65 24.40 13.52
C ASN A 778 -19.55 23.42 12.37
N ASN A 779 -18.31 22.98 12.08
CA ASN A 779 -18.03 22.17 10.90
C ASN A 779 -18.81 20.86 10.91
N LEU A 780 -19.01 20.28 12.09
CA LEU A 780 -19.71 19.01 12.20
C LEU A 780 -21.21 19.19 12.37
N ARG A 781 -21.66 20.29 12.96
CA ARG A 781 -23.09 20.54 12.92
C ARG A 781 -23.57 20.92 11.54
N ILE A 782 -22.67 21.22 10.59
CA ILE A 782 -23.06 21.14 9.18
C ILE A 782 -23.64 19.77 8.87
N ILE A 783 -22.89 18.72 9.21
CA ILE A 783 -23.31 17.35 8.94
C ILE A 783 -24.60 17.04 9.68
N TYR A 784 -24.66 17.42 10.96
CA TYR A 784 -25.86 17.12 11.74
C TYR A 784 -27.07 17.88 11.20
N LYS A 785 -26.86 19.09 10.68
CA LYS A 785 -27.92 19.82 10.01
C LYS A 785 -28.40 19.07 8.78
N GLU A 786 -27.47 18.52 8.01
CA GLU A 786 -27.87 17.72 6.86
C GLU A 786 -28.68 16.50 7.29
N ILE A 787 -28.33 15.92 8.43
CA ILE A 787 -29.01 14.71 8.87
C ILE A 787 -30.39 15.02 9.44
N PHE A 788 -30.58 16.22 10.00
CA PHE A 788 -31.83 16.60 10.66
C PHE A 788 -32.82 17.24 9.68
N SER A 789 -32.80 16.83 8.41
CA SER A 789 -33.75 17.30 7.41
C SER A 789 -34.56 16.20 6.74
N TYR A 790 -34.15 14.93 6.88
CA TYR A 790 -34.85 13.81 6.26
C TYR A 790 -35.74 13.17 7.33
N LYS A 791 -36.88 13.82 7.57
CA LYS A 791 -37.69 13.51 8.74
C LYS A 791 -38.33 12.13 8.64
N LYS A 792 -38.71 11.70 7.44
CA LYS A 792 -39.45 10.45 7.31
C LYS A 792 -38.64 9.23 7.71
N ASP A 793 -37.30 9.34 7.78
CA ASP A 793 -36.43 8.22 8.12
C ASP A 793 -35.80 8.34 9.50
N VAL A 794 -35.94 9.47 10.18
CA VAL A 794 -35.45 9.62 11.54
C VAL A 794 -36.43 9.02 12.55
N THR A 795 -37.71 9.36 12.38
CA THR A 795 -38.73 8.94 13.34
C THR A 795 -38.88 7.43 13.37
N ILE A 796 -38.75 6.78 12.21
CA ILE A 796 -38.91 5.33 12.16
C ILE A 796 -37.78 4.65 12.92
N ILE A 797 -36.55 5.13 12.74
CA ILE A 797 -35.42 4.58 13.47
C ILE A 797 -35.62 4.80 14.97
N PHE A 798 -36.09 5.99 15.34
CA PHE A 798 -36.35 6.29 16.75
C PHE A 798 -37.36 5.32 17.34
N PHE A 799 -38.45 5.07 16.61
CA PHE A 799 -39.50 4.19 17.11
C PHE A 799 -38.99 2.75 17.22
N SER A 800 -38.22 2.28 16.24
CA SER A 800 -37.69 0.93 16.31
C SER A 800 -36.74 0.79 17.49
N ILE A 801 -35.95 1.83 17.76
CA ILE A 801 -35.07 1.81 18.93
C ILE A 801 -35.90 1.69 20.20
N LEU A 802 -36.96 2.49 20.31
CA LEU A 802 -37.83 2.41 21.49
C LEU A 802 -38.39 1.01 21.66
N VAL A 803 -38.93 0.44 20.59
CA VAL A 803 -39.58 -0.87 20.69
C VAL A 803 -38.57 -1.93 21.10
N ALA A 804 -37.39 -1.95 20.48
CA ALA A 804 -36.39 -2.96 20.83
C ALA A 804 -35.96 -2.82 22.28
N GLY A 805 -35.54 -1.61 22.66
CA GLY A 805 -35.07 -1.40 24.01
C GLY A 805 -36.14 -1.66 25.07
N GLY A 806 -37.41 -1.49 24.71
CA GLY A 806 -38.48 -1.67 25.66
C GLY A 806 -38.93 -3.11 25.79
N LEU A 807 -38.92 -3.86 24.69
CA LEU A 807 -39.50 -5.20 24.64
C LEU A 807 -38.48 -6.32 24.65
N TYR A 808 -37.18 -6.01 24.67
CA TYR A 808 -36.24 -7.11 24.95
C TYR A 808 -36.15 -7.42 26.45
N PRO A 809 -36.10 -6.44 27.35
CA PRO A 809 -36.06 -6.79 28.78
C PRO A 809 -37.28 -7.54 29.26
N VAL A 810 -38.44 -7.32 28.63
CA VAL A 810 -39.67 -7.98 29.04
C VAL A 810 -39.55 -9.49 28.95
N PHE A 811 -38.69 -9.99 28.07
CA PHE A 811 -38.46 -11.43 27.98
C PHE A 811 -37.95 -11.99 29.29
N ALA A 812 -37.13 -11.22 30.02
CA ALA A 812 -36.56 -11.71 31.26
C ALA A 812 -37.63 -11.95 32.32
N LEU A 813 -38.48 -10.95 32.58
CA LEU A 813 -39.51 -11.09 33.59
C LEU A 813 -40.77 -11.78 33.07
N LEU A 814 -40.79 -12.17 31.81
CA LEU A 814 -41.75 -13.17 31.33
C LEU A 814 -41.19 -14.57 31.43
N TYR A 815 -39.87 -14.71 31.46
CA TYR A 815 -39.20 -15.97 31.72
C TYR A 815 -39.20 -16.34 33.19
N ALA A 816 -39.03 -15.37 34.08
CA ALA A 816 -39.04 -15.63 35.52
C ALA A 816 -40.40 -16.14 35.98
N ARG A 817 -41.47 -15.44 35.60
CA ARG A 817 -42.81 -15.86 35.97
C ARG A 817 -43.12 -17.26 35.44
N TYR A 818 -42.50 -17.63 34.33
CA TYR A 818 -42.72 -18.94 33.76
C TYR A 818 -41.95 -20.04 34.48
N VAL A 819 -40.90 -19.68 35.20
CA VAL A 819 -40.19 -20.62 36.07
C VAL A 819 -40.91 -20.80 37.40
N SER A 820 -41.32 -19.69 38.02
CA SER A 820 -41.98 -19.78 39.32
C SER A 820 -43.30 -20.53 39.23
N THR A 821 -43.96 -20.49 38.07
CA THR A 821 -45.23 -21.18 37.86
C THR A 821 -45.06 -22.61 37.35
N LEU A 822 -43.85 -23.18 37.42
CA LEU A 822 -43.59 -24.50 36.89
C LEU A 822 -43.62 -25.58 37.96
N PHE A 823 -43.27 -25.23 39.20
CA PHE A 823 -43.26 -26.14 40.33
C PHE A 823 -44.56 -26.11 41.12
N ASP A 824 -45.66 -25.69 40.48
CA ASP A 824 -47.01 -25.77 41.03
C ASP A 824 -47.79 -26.71 40.11
N PHE A 825 -48.02 -27.95 40.59
CA PHE A 825 -48.65 -28.96 39.76
C PHE A 825 -50.05 -28.55 39.32
N ALA A 826 -50.74 -27.76 40.13
CA ALA A 826 -52.04 -27.24 39.74
C ALA A 826 -51.87 -26.12 38.72
N ASN A 827 -52.99 -25.74 38.10
CA ASN A 827 -53.18 -24.63 37.16
C ASN A 827 -51.97 -24.38 36.25
N LEU A 828 -51.43 -25.44 35.67
CA LEU A 828 -50.23 -25.36 34.86
C LEU A 828 -50.55 -25.20 33.37
N GLU A 829 -51.59 -25.88 32.90
CA GLU A 829 -51.93 -25.85 31.49
C GLU A 829 -52.27 -24.43 31.04
N TYR A 830 -53.17 -23.76 31.77
CA TYR A 830 -53.57 -22.41 31.41
C TYR A 830 -52.40 -21.46 31.47
N ASN A 831 -51.53 -21.62 32.46
CA ASN A 831 -50.37 -20.74 32.57
C ASN A 831 -49.45 -20.91 31.38
N SER A 832 -49.21 -22.15 30.95
CA SER A 832 -48.38 -22.37 29.77
C SER A 832 -49.00 -21.73 28.54
N ASN A 833 -50.28 -22.00 28.31
CA ASN A 833 -50.99 -21.44 27.16
C ASN A 833 -50.99 -19.92 27.18
N LYS A 834 -50.94 -19.32 28.37
CA LYS A 834 -50.96 -17.86 28.47
C LYS A 834 -49.59 -17.23 28.31
N TYR A 835 -48.53 -17.90 28.79
CA TYR A 835 -47.21 -17.29 28.76
C TYR A 835 -46.45 -17.55 27.47
N SER A 836 -46.71 -18.65 26.76
CA SER A 836 -45.97 -18.88 25.52
C SER A 836 -46.37 -17.92 24.41
N ILE A 837 -47.65 -17.51 24.39
CA ILE A 837 -48.16 -16.71 23.30
C ILE A 837 -47.55 -15.31 23.33
N TYR A 838 -47.31 -14.78 24.52
CA TYR A 838 -46.66 -13.47 24.62
C TYR A 838 -45.25 -13.53 24.06
N ILE A 839 -44.54 -14.65 24.29
CA ILE A 839 -43.22 -14.83 23.70
C ILE A 839 -43.31 -14.81 22.19
N LEU A 840 -44.30 -15.52 21.64
CA LEU A 840 -44.48 -15.53 20.19
C LEU A 840 -44.67 -14.12 19.65
N LEU A 841 -45.57 -13.36 20.27
CA LEU A 841 -45.86 -12.02 19.80
C LEU A 841 -44.65 -11.10 19.91
N ILE A 842 -43.90 -11.23 21.00
CA ILE A 842 -42.71 -10.41 21.17
C ILE A 842 -41.68 -10.74 20.10
N ALA A 843 -41.59 -12.01 19.72
CA ALA A 843 -40.70 -12.38 18.63
C ALA A 843 -41.13 -11.75 17.31
N ILE A 844 -42.42 -11.80 17.02
CA ILE A 844 -42.93 -11.22 15.79
C ILE A 844 -42.68 -9.72 15.75
N ALA A 845 -42.69 -9.05 16.90
CA ALA A 845 -42.37 -7.63 16.93
C ALA A 845 -40.87 -7.38 16.76
N MET A 846 -40.05 -8.22 17.40
CA MET A 846 -38.60 -8.02 17.34
C MET A 846 -38.08 -8.21 15.93
N PHE A 847 -38.67 -9.15 15.18
CA PHE A 847 -38.35 -9.33 13.77
C PHE A 847 -38.41 -8.00 13.02
N ILE A 848 -39.59 -7.39 13.03
CA ILE A 848 -39.81 -6.15 12.29
C ILE A 848 -38.94 -5.03 12.82
N SER A 849 -38.72 -4.98 14.14
CA SER A 849 -37.93 -3.91 14.71
C SER A 849 -36.49 -3.97 14.22
N GLU A 850 -35.85 -5.13 14.35
CA GLU A 850 -34.47 -5.26 13.91
C GLU A 850 -34.37 -5.15 12.39
N THR A 851 -35.43 -5.50 11.67
CA THR A 851 -35.43 -5.32 10.23
C THR A 851 -35.35 -3.85 9.88
N LEU A 852 -36.31 -3.06 10.34
CA LEU A 852 -36.37 -1.65 9.98
C LEU A 852 -35.36 -0.80 10.75
N LYS A 853 -34.54 -1.38 11.62
CA LYS A 853 -33.47 -0.62 12.26
C LYS A 853 -32.19 -0.65 11.45
N ASN A 854 -31.77 -1.82 10.97
CA ASN A 854 -30.47 -1.98 10.33
C ASN A 854 -30.51 -1.69 8.83
N TYR A 855 -31.51 -0.97 8.34
CA TYR A 855 -31.64 -0.66 6.92
C TYR A 855 -31.66 0.84 6.62
N TYR A 856 -32.40 1.63 7.39
CA TYR A 856 -32.41 3.07 7.15
C TYR A 856 -31.16 3.75 7.68
N ASN A 857 -30.41 3.08 8.55
CA ASN A 857 -29.05 3.51 8.87
C ASN A 857 -28.24 3.74 7.59
N ASN A 858 -28.19 2.74 6.72
CA ASN A 858 -27.42 2.87 5.49
C ASN A 858 -28.12 3.77 4.48
N LYS A 859 -29.45 3.76 4.48
CA LYS A 859 -30.20 4.65 3.59
C LYS A 859 -29.92 6.11 3.90
N ILE A 860 -29.57 6.43 5.14
CA ILE A 860 -29.14 7.78 5.48
C ILE A 860 -27.64 7.95 5.28
N GLY A 861 -26.87 6.88 5.43
CA GLY A 861 -25.44 6.97 5.16
C GLY A 861 -25.13 7.32 3.72
N GLU A 862 -25.95 6.85 2.77
CA GLU A 862 -25.64 7.03 1.36
C GLU A 862 -25.71 8.50 0.95
N LYS A 863 -26.75 9.20 1.39
CA LYS A 863 -27.06 10.51 0.84
C LYS A 863 -26.05 11.57 1.26
N VAL A 864 -25.49 11.43 2.46
CA VAL A 864 -24.48 12.39 2.90
C VAL A 864 -23.23 12.28 2.04
N GLU A 865 -22.78 11.06 1.75
CA GLU A 865 -21.70 10.87 0.81
C GLU A 865 -22.04 11.52 -0.52
N LYS A 866 -23.08 11.02 -1.18
CA LYS A 866 -23.31 11.51 -2.54
C LYS A 866 -23.83 12.94 -2.59
N THR A 867 -23.94 13.70 -1.48
CA THR A 867 -24.09 15.15 -1.57
C THR A 867 -22.83 15.91 -1.13
N MET A 868 -21.85 15.23 -0.52
CA MET A 868 -20.55 15.88 -0.29
C MET A 868 -19.58 15.70 -1.46
N LYS A 869 -19.57 14.50 -2.06
CA LYS A 869 -18.75 14.28 -3.25
C LYS A 869 -19.10 15.26 -4.36
N ARG A 870 -20.39 15.53 -4.53
CA ARG A 870 -20.83 16.49 -5.54
C ARG A 870 -20.21 17.85 -5.31
N ARG A 871 -20.26 18.34 -4.06
CA ARG A 871 -19.72 19.65 -3.74
C ARG A 871 -18.22 19.70 -4.00
N LEU A 872 -17.50 18.67 -3.55
CA LEU A 872 -16.05 18.64 -3.78
C LEU A 872 -15.73 18.68 -5.27
N PHE A 873 -16.23 17.69 -6.02
CA PHE A 873 -15.88 17.59 -7.43
C PHE A 873 -16.44 18.72 -8.25
N GLU A 874 -17.40 19.49 -7.72
CA GLU A 874 -17.90 20.66 -8.42
C GLU A 874 -17.05 21.88 -8.13
N ASN A 875 -16.47 21.98 -6.94
CA ASN A 875 -15.62 23.13 -6.63
C ASN A 875 -14.22 22.98 -7.22
N ILE A 876 -13.69 21.76 -7.23
CA ILE A 876 -12.30 21.56 -7.65
C ILE A 876 -12.08 22.00 -9.10
N LEU A 877 -13.10 21.87 -9.94
CA LEU A 877 -12.92 22.18 -11.35
C LEU A 877 -12.67 23.67 -11.56
N TYR A 878 -13.39 24.52 -10.81
CA TYR A 878 -13.32 25.95 -11.03
C TYR A 878 -12.14 26.61 -10.33
N GLN A 879 -11.31 25.85 -9.62
CA GLN A 879 -10.14 26.44 -8.98
C GLN A 879 -9.10 26.84 -10.02
N GLU A 880 -8.44 27.96 -9.76
CA GLU A 880 -7.48 28.51 -10.71
C GLU A 880 -6.27 27.58 -10.84
N MET A 881 -5.37 27.94 -11.76
CA MET A 881 -4.28 27.05 -12.15
C MET A 881 -3.12 27.07 -11.16
N SER A 882 -2.90 28.20 -10.49
CA SER A 882 -1.82 28.26 -9.50
C SER A 882 -2.06 27.25 -8.38
N PHE A 883 -3.32 26.99 -8.06
CA PHE A 883 -3.64 25.99 -7.05
C PHE A 883 -3.23 24.60 -7.50
N PHE A 884 -3.29 24.34 -8.81
CA PHE A 884 -2.87 23.04 -9.34
C PHE A 884 -1.36 22.97 -9.53
N ASP A 885 -0.71 24.13 -9.71
CA ASP A 885 0.73 24.14 -9.90
C ASP A 885 1.48 23.65 -8.66
N GLN A 886 0.87 23.73 -7.48
CA GLN A 886 1.52 23.29 -6.27
C GLN A 886 1.74 21.78 -6.28
N ASP A 887 2.56 21.31 -5.34
CA ASP A 887 2.95 19.91 -5.32
C ASP A 887 1.91 19.05 -4.62
N LYS A 888 1.47 19.45 -3.43
CA LYS A 888 0.49 18.68 -2.67
C LYS A 888 -0.84 18.52 -3.40
N ASN A 889 -1.16 19.40 -4.34
CA ASN A 889 -2.40 19.31 -5.11
C ASN A 889 -2.16 18.35 -6.27
N THR A 890 -1.95 17.09 -5.93
CA THR A 890 -1.69 16.03 -6.88
C THR A 890 -2.99 15.28 -7.18
N PRO A 891 -3.19 14.73 -8.39
CA PRO A 891 -4.44 13.98 -8.63
C PRO A 891 -4.60 12.76 -7.76
N GLY A 892 -3.51 12.07 -7.40
CA GLY A 892 -3.63 10.87 -6.60
C GLY A 892 -4.24 11.12 -5.23
N VAL A 893 -3.69 12.08 -4.50
CA VAL A 893 -4.18 12.37 -3.15
C VAL A 893 -5.61 12.90 -3.21
N LEU A 894 -5.91 13.73 -4.21
CA LEU A 894 -7.23 14.32 -4.33
C LEU A 894 -8.28 13.31 -4.75
N SER A 895 -7.90 12.25 -5.45
CA SER A 895 -8.80 11.13 -5.68
C SER A 895 -8.87 10.19 -4.49
N ALA A 896 -7.82 10.14 -3.68
CA ALA A 896 -7.81 9.27 -2.50
C ALA A 896 -8.75 9.80 -1.43
N HIS A 897 -8.75 11.13 -1.24
CA HIS A 897 -9.66 11.76 -0.28
C HIS A 897 -11.09 11.36 -0.57
N ILE A 898 -11.57 11.78 -1.75
CA ILE A 898 -12.98 11.73 -2.12
C ILE A 898 -13.57 10.34 -1.92
N ASN A 899 -12.77 9.30 -2.12
CA ASN A 899 -13.22 7.94 -1.86
C ASN A 899 -13.13 7.58 -0.38
N ARG A 900 -11.89 7.57 0.15
CA ARG A 900 -11.66 6.95 1.46
C ARG A 900 -12.35 7.71 2.56
N ASP A 901 -12.06 9.01 2.69
CA ASP A 901 -12.52 9.72 3.87
C ASP A 901 -14.04 9.90 3.86
N VAL A 902 -14.65 9.87 2.67
CA VAL A 902 -16.11 9.95 2.58
C VAL A 902 -16.75 8.62 2.98
N HIS A 903 -16.16 7.50 2.53
CA HIS A 903 -16.66 6.22 3.04
C HIS A 903 -16.46 6.11 4.55
N LEU A 904 -15.45 6.79 5.09
CA LEU A 904 -15.28 6.80 6.54
C LEU A 904 -16.36 7.64 7.21
N LEU A 905 -16.70 8.80 6.64
CA LEU A 905 -17.81 9.58 7.17
C LEU A 905 -19.10 8.79 7.18
N LYS A 906 -19.29 7.90 6.20
CA LYS A 906 -20.45 7.02 6.29
C LYS A 906 -20.26 6.00 7.42
N THR A 907 -19.26 5.14 7.30
CA THR A 907 -19.12 4.00 8.21
C THR A 907 -18.83 4.45 9.64
N GLY A 908 -18.14 5.57 9.79
CA GLY A 908 -17.69 5.97 11.13
C GLY A 908 -18.79 6.60 11.96
N LEU A 909 -19.44 7.62 11.42
CA LEU A 909 -20.28 8.49 12.23
C LEU A 909 -21.63 7.84 12.55
N VAL A 910 -22.43 7.57 11.52
CA VAL A 910 -23.82 7.17 11.74
C VAL A 910 -23.90 5.75 12.27
N ASN A 911 -22.79 5.01 12.19
CA ASN A 911 -22.68 3.71 12.85
C ASN A 911 -22.25 3.86 14.31
N ASN A 912 -22.18 5.09 14.83
CA ASN A 912 -21.84 5.34 16.23
C ASN A 912 -22.71 6.42 16.83
N ILE A 913 -23.89 6.64 16.26
CA ILE A 913 -24.91 7.51 16.85
C ILE A 913 -26.16 6.68 17.13
N VAL A 914 -26.36 5.61 16.36
CA VAL A 914 -27.44 4.69 16.64
C VAL A 914 -27.08 3.76 17.79
N ILE A 915 -25.84 3.29 17.80
CA ILE A 915 -25.41 2.30 18.80
C ILE A 915 -25.50 2.91 20.21
N PHE A 916 -25.00 4.13 20.37
CA PHE A 916 -25.05 4.79 21.66
C PHE A 916 -26.49 4.97 22.12
N SER A 917 -27.38 5.35 21.20
CA SER A 917 -28.78 5.56 21.56
C SER A 917 -29.42 4.26 22.04
N HIS A 918 -29.24 3.18 21.31
CA HIS A 918 -29.81 1.90 21.70
C HIS A 918 -29.24 1.42 23.03
N PHE A 919 -27.92 1.53 23.18
CA PHE A 919 -27.26 1.13 24.42
C PHE A 919 -27.79 1.91 25.61
N ILE A 920 -27.96 3.23 25.45
CA ILE A 920 -28.43 4.06 26.56
C ILE A 920 -29.88 3.75 26.88
N MET A 921 -30.69 3.47 25.85
CA MET A 921 -32.07 3.06 26.09
C MET A 921 -32.11 1.82 26.97
N LEU A 922 -31.34 0.79 26.61
CA LEU A 922 -31.29 -0.42 27.42
C LEU A 922 -30.80 -0.12 28.83
N PHE A 923 -29.69 0.62 28.94
CA PHE A 923 -29.05 0.83 30.23
C PHE A 923 -29.93 1.66 31.15
N LEU A 924 -30.82 2.50 30.60
CA LEU A 924 -31.75 3.22 31.44
C LEU A 924 -32.93 2.35 31.85
N VAL A 925 -33.63 1.76 30.87
CA VAL A 925 -34.88 1.08 31.19
C VAL A 925 -34.63 -0.12 32.10
N SER A 926 -33.64 -0.96 31.75
CA SER A 926 -33.40 -2.17 32.51
C SER A 926 -32.90 -1.84 33.91
N MET A 927 -31.98 -0.90 34.02
CA MET A 927 -31.47 -0.50 35.33
C MET A 927 -32.59 0.05 36.20
N VAL A 928 -33.42 0.92 35.65
CA VAL A 928 -34.46 1.57 36.46
C VAL A 928 -35.47 0.54 36.94
N MET A 929 -36.02 -0.27 36.05
CA MET A 929 -36.99 -1.27 36.51
C MET A 929 -36.32 -2.52 37.08
N SER A 930 -35.00 -2.48 37.25
CA SER A 930 -34.30 -3.42 38.12
C SER A 930 -34.14 -2.89 39.54
N PHE A 931 -34.07 -1.56 39.73
CA PHE A 931 -34.11 -1.03 41.09
C PHE A 931 -35.44 -1.35 41.76
N TYR A 932 -36.54 -1.23 41.03
CA TYR A 932 -37.86 -1.18 41.65
C TYR A 932 -38.22 -2.49 42.35
N PHE A 933 -37.65 -3.61 41.92
CA PHE A 933 -37.99 -4.91 42.48
C PHE A 933 -37.09 -5.32 43.63
N CYS A 934 -35.83 -4.90 43.63
CA CYS A 934 -34.89 -5.31 44.68
C CYS A 934 -33.69 -4.37 44.72
N PRO A 935 -33.82 -3.21 45.38
CA PRO A 935 -32.71 -2.24 45.35
C PRO A 935 -31.42 -2.74 45.96
N ILE A 936 -31.49 -3.67 46.91
CA ILE A 936 -30.30 -4.03 47.67
C ILE A 936 -29.31 -4.80 46.80
N VAL A 937 -29.80 -5.58 45.85
CA VAL A 937 -28.92 -6.38 45.00
C VAL A 937 -28.35 -5.56 43.84
N ALA A 938 -29.14 -4.62 43.30
CA ALA A 938 -28.73 -3.88 42.12
C ALA A 938 -27.52 -3.00 42.42
N ALA A 939 -27.48 -2.39 43.60
CA ALA A 939 -26.33 -1.56 43.96
C ALA A 939 -25.06 -2.39 44.01
N VAL A 940 -25.15 -3.58 44.60
CA VAL A 940 -23.99 -4.47 44.66
C VAL A 940 -23.53 -4.84 43.25
N LEU A 941 -24.49 -5.20 42.39
CA LEU A 941 -24.12 -5.62 41.04
C LEU A 941 -23.47 -4.49 40.25
N THR A 942 -24.03 -3.28 40.36
CA THR A 942 -23.44 -2.15 39.64
C THR A 942 -22.07 -1.80 40.18
N PHE A 943 -21.88 -1.88 41.50
CA PHE A 943 -20.56 -1.64 42.06
C PHE A 943 -19.55 -2.66 41.53
N ILE A 944 -19.96 -3.93 41.47
CA ILE A 944 -19.08 -4.98 40.98
C ILE A 944 -18.65 -4.69 39.54
N TYR A 945 -19.63 -4.50 38.66
CA TYR A 945 -19.28 -4.29 37.25
C TYR A 945 -18.57 -2.96 37.03
N PHE A 946 -18.81 -1.96 37.88
CA PHE A 946 -18.09 -0.71 37.75
C PHE A 946 -16.61 -0.90 38.07
N ILE A 947 -16.32 -1.50 39.23
CA ILE A 947 -14.92 -1.69 39.58
C ILE A 947 -14.26 -2.73 38.68
N ASN A 948 -15.04 -3.60 38.03
CA ASN A 948 -14.46 -4.58 37.12
C ASN A 948 -14.08 -3.96 35.78
N MET A 949 -15.02 -3.27 35.14
CA MET A 949 -14.80 -2.81 33.77
C MET A 949 -13.99 -1.53 33.73
N ARG A 950 -14.51 -0.46 34.33
CA ARG A 950 -13.92 0.87 34.15
C ARG A 950 -12.64 1.08 34.92
N VAL A 951 -12.23 0.16 35.80
CA VAL A 951 -11.02 0.32 36.60
C VAL A 951 -10.07 -0.85 36.41
N PHE A 952 -10.62 -2.04 36.12
CA PHE A 952 -9.83 -3.24 35.89
C PHE A 952 -10.09 -3.77 34.48
N ALA A 953 -10.00 -2.90 33.49
CA ALA A 953 -10.28 -3.31 32.12
C ALA A 953 -9.22 -4.29 31.65
N VAL A 954 -9.50 -5.58 31.81
CA VAL A 954 -8.51 -6.61 31.51
C VAL A 954 -8.20 -6.62 30.02
N ARG A 955 -9.24 -6.63 29.18
CA ARG A 955 -9.02 -6.66 27.74
C ARG A 955 -8.31 -5.40 27.26
N ALA A 956 -8.65 -4.24 27.81
CA ALA A 956 -8.02 -3.01 27.39
C ALA A 956 -6.53 -3.01 27.72
N ARG A 957 -6.19 -3.28 28.98
CA ARG A 957 -4.79 -3.33 29.38
C ARG A 957 -4.03 -4.41 28.61
N LEU A 958 -4.68 -5.54 28.35
CA LEU A 958 -4.03 -6.63 27.65
C LEU A 958 -3.72 -6.25 26.20
N THR A 959 -4.72 -5.73 25.48
CA THR A 959 -4.48 -5.30 24.10
C THR A 959 -3.48 -4.16 24.04
N LYS A 960 -3.47 -3.28 25.04
CA LYS A 960 -2.49 -2.20 25.07
C LYS A 960 -1.08 -2.73 25.21
N SER A 961 -0.84 -3.52 26.27
CA SER A 961 0.48 -4.09 26.49
C SER A 961 0.91 -4.98 25.33
N LYS A 962 -0.06 -5.56 24.62
CA LYS A 962 0.26 -6.32 23.42
C LYS A 962 0.72 -5.39 22.31
N GLU A 963 -0.14 -4.45 21.90
CA GLU A 963 0.07 -3.69 20.67
C GLU A 963 1.25 -2.74 20.78
N ILE A 964 1.57 -2.26 21.99
CA ILE A 964 2.71 -1.36 22.14
C ILE A 964 3.99 -2.06 21.74
N GLU A 965 4.32 -3.16 22.43
CA GLU A 965 5.54 -3.90 22.12
C GLU A 965 5.41 -4.80 20.91
N LYS A 966 4.22 -4.91 20.31
CA LYS A 966 4.05 -5.64 19.06
C LYS A 966 4.43 -4.79 17.85
N LYS A 967 4.45 -3.47 18.00
CA LYS A 967 4.92 -2.59 16.94
C LYS A 967 6.33 -2.99 16.50
N GLU A 968 7.19 -3.31 17.46
CA GLU A 968 8.58 -3.66 17.18
C GLU A 968 8.67 -5.09 16.65
N ASP A 986 20.54 -3.97 18.13
CA ASP A 986 19.39 -3.18 17.71
C ASP A 986 18.79 -3.78 16.43
N PRO A 987 18.04 -4.88 16.55
CA PRO A 987 17.49 -5.55 15.36
C PRO A 987 16.54 -4.71 14.52
N SER A 988 16.08 -3.57 15.03
CA SER A 988 15.26 -2.65 14.25
C SER A 988 16.09 -1.61 13.51
N PHE A 989 17.42 -1.66 13.60
CA PHE A 989 18.33 -0.69 13.00
C PHE A 989 19.29 -1.30 12.00
N LEU A 990 19.89 -2.44 12.33
CA LEU A 990 20.85 -3.06 11.44
C LEU A 990 20.17 -3.68 10.22
N ILE A 991 18.96 -4.21 10.39
CA ILE A 991 18.30 -4.97 9.33
C ILE A 991 18.00 -4.05 8.15
N GLN A 992 17.52 -2.84 8.44
CA GLN A 992 17.15 -1.91 7.37
C GLN A 992 18.37 -1.47 6.58
N GLU A 993 19.42 -1.04 7.29
CA GLU A 993 20.63 -0.58 6.62
C GLU A 993 21.47 -1.73 6.05
N ALA A 994 21.12 -2.99 6.33
CA ALA A 994 21.85 -4.13 5.80
C ALA A 994 21.36 -4.59 4.43
N PHE A 995 20.43 -3.85 3.82
CA PHE A 995 19.96 -4.14 2.47
C PHE A 995 20.35 -3.09 1.45
N TYR A 996 20.46 -1.83 1.86
CA TYR A 996 20.95 -0.79 0.96
C TYR A 996 22.39 -1.08 0.54
N ASN A 997 23.16 -1.73 1.42
CA ASN A 997 24.53 -2.12 1.15
C ASN A 997 24.66 -3.59 0.77
N MET A 998 23.64 -4.13 0.11
CA MET A 998 23.67 -5.55 -0.28
C MET A 998 24.77 -5.83 -1.29
N HIS A 999 25.26 -4.81 -2.01
CA HIS A 999 26.40 -5.01 -2.89
C HIS A 999 27.72 -4.97 -2.13
N THR A 1000 27.71 -4.40 -0.92
CA THR A 1000 28.93 -4.30 -0.13
C THR A 1000 29.16 -5.55 0.71
N VAL A 1001 28.07 -6.20 1.16
CA VAL A 1001 28.22 -7.41 1.96
C VAL A 1001 28.89 -8.52 1.17
N ILE A 1002 28.79 -8.50 -0.16
CA ILE A 1002 29.40 -9.55 -0.95
C ILE A 1002 30.91 -9.39 -1.02
N ASN A 1003 31.44 -8.19 -0.79
CA ASN A 1003 32.88 -8.03 -0.65
C ASN A 1003 33.39 -8.89 0.49
N TYR A 1004 32.70 -8.84 1.63
CA TYR A 1004 32.87 -9.82 2.70
C TYR A 1004 31.71 -9.64 3.66
N GLY A 1005 31.45 -10.69 4.43
CA GLY A 1005 30.43 -10.65 5.46
C GLY A 1005 29.17 -11.34 4.99
N LEU A 1006 29.05 -12.62 5.33
CA LEU A 1006 27.93 -13.45 4.94
C LEU A 1006 27.26 -13.99 6.19
N GLU A 1007 28.07 -14.51 7.12
CA GLU A 1007 27.62 -15.01 8.40
C GLU A 1007 28.05 -14.15 9.58
N ASP A 1008 28.93 -13.17 9.36
CA ASP A 1008 29.31 -12.28 10.45
C ASP A 1008 28.12 -11.47 10.95
N TYR A 1009 27.13 -11.24 10.09
CA TYR A 1009 25.87 -10.60 10.49
C TYR A 1009 24.70 -11.57 10.50
N PHE A 1010 24.91 -12.84 10.15
CA PHE A 1010 23.98 -13.87 10.58
C PHE A 1010 24.07 -14.09 12.08
N CYS A 1011 25.25 -13.87 12.66
CA CYS A 1011 25.50 -14.12 14.08
C CYS A 1011 25.84 -12.83 14.84
N ASN A 1012 25.47 -11.67 14.29
CA ASN A 1012 25.46 -10.42 15.03
C ASN A 1012 24.05 -9.89 15.24
N LEU A 1013 23.03 -10.57 14.73
CA LEU A 1013 21.63 -10.23 14.99
C LEU A 1013 20.94 -11.24 15.89
N ILE A 1014 21.38 -12.50 15.87
CA ILE A 1014 20.89 -13.49 16.81
C ILE A 1014 21.17 -13.03 18.24
N GLU A 1015 22.40 -12.56 18.48
CA GLU A 1015 22.79 -12.14 19.82
C GLU A 1015 21.99 -10.93 20.27
N LYS A 1016 21.95 -9.88 19.45
CA LYS A 1016 21.29 -8.64 19.83
C LYS A 1016 19.77 -8.75 19.77
N ALA A 1017 19.24 -9.87 19.28
CA ALA A 1017 17.83 -10.19 19.48
C ALA A 1017 17.64 -10.91 20.81
N ILE A 1018 18.27 -12.07 20.96
CA ILE A 1018 18.01 -12.94 22.10
C ILE A 1018 18.39 -12.27 23.42
N ASP A 1019 19.36 -11.35 23.40
CA ASP A 1019 19.75 -10.68 24.64
C ASP A 1019 18.61 -9.82 25.19
N TYR A 1020 17.89 -9.14 24.29
CA TYR A 1020 16.89 -8.16 24.69
C TYR A 1020 15.47 -8.69 24.63
N LYS A 1021 15.24 -9.87 24.03
CA LYS A 1021 13.90 -10.46 24.12
C LYS A 1021 13.60 -10.94 25.53
N ASN A 1022 14.38 -11.92 26.02
CA ASN A 1022 13.95 -12.73 27.16
C ASN A 1022 13.77 -11.91 28.42
N LYS A 1023 14.68 -10.95 28.66
CA LYS A 1023 14.73 -10.23 29.93
C LYS A 1023 13.42 -9.51 30.21
N GLY A 1024 12.79 -8.97 29.17
CA GLY A 1024 11.49 -8.34 29.31
C GLY A 1024 10.36 -9.31 29.04
N GLN A 1025 10.64 -10.32 28.20
CA GLN A 1025 9.62 -11.28 27.82
C GLN A 1025 9.09 -12.03 29.02
N LYS A 1026 9.96 -12.33 29.99
CA LYS A 1026 9.52 -13.04 31.19
C LYS A 1026 8.39 -12.28 31.91
N ARG A 1027 8.64 -11.02 32.24
CA ARG A 1027 7.63 -10.23 32.94
C ARG A 1027 6.39 -10.03 32.06
N ARG A 1028 6.60 -9.67 30.80
CA ARG A 1028 5.48 -9.44 29.89
C ARG A 1028 4.58 -10.66 29.82
N ILE A 1029 5.17 -11.84 29.66
CA ILE A 1029 4.35 -13.02 29.42
C ILE A 1029 3.71 -13.52 30.70
N ILE A 1030 4.39 -13.45 31.85
CA ILE A 1030 3.74 -13.90 33.07
C ILE A 1030 2.55 -12.99 33.40
N VAL A 1031 2.71 -11.68 33.23
CA VAL A 1031 1.59 -10.78 33.48
C VAL A 1031 0.46 -11.01 32.50
N ASN A 1032 0.78 -11.09 31.20
CA ASN A 1032 -0.24 -11.22 30.18
C ASN A 1032 -0.90 -12.60 30.15
N ALA A 1033 -0.30 -13.60 30.80
CA ALA A 1033 -0.95 -14.89 30.98
C ALA A 1033 -1.84 -14.92 32.21
N ALA A 1034 -1.41 -14.30 33.32
CA ALA A 1034 -2.30 -14.18 34.46
C ALA A 1034 -3.55 -13.38 34.12
N LEU A 1035 -3.39 -12.27 33.39
CA LEU A 1035 -4.52 -11.44 33.03
C LEU A 1035 -5.51 -12.14 32.12
N TRP A 1036 -5.04 -13.08 31.29
CA TRP A 1036 -5.96 -13.86 30.47
C TRP A 1036 -6.61 -14.98 31.25
N GLY A 1037 -5.86 -15.64 32.12
CA GLY A 1037 -6.46 -16.68 32.94
C GLY A 1037 -7.53 -16.14 33.86
N PHE A 1038 -7.41 -14.88 34.27
CA PHE A 1038 -8.46 -14.28 35.10
C PHE A 1038 -9.71 -14.00 34.29
N SER A 1039 -9.56 -13.62 33.03
CA SER A 1039 -10.70 -13.15 32.24
C SER A 1039 -11.69 -14.26 31.91
N GLN A 1040 -11.25 -15.52 31.94
CA GLN A 1040 -12.11 -16.63 31.53
C GLN A 1040 -12.97 -17.17 32.67
N SER A 1041 -12.65 -16.86 33.92
CA SER A 1041 -13.32 -17.43 35.09
C SER A 1041 -13.68 -16.35 36.09
N ALA A 1042 -14.32 -15.30 35.61
CA ALA A 1042 -14.78 -14.18 36.45
C ALA A 1042 -16.28 -14.17 36.64
N GLN A 1043 -17.06 -14.39 35.57
CA GLN A 1043 -18.52 -14.37 35.69
C GLN A 1043 -19.01 -15.47 36.61
N LEU A 1044 -18.29 -16.59 36.68
CA LEU A 1044 -18.70 -17.70 37.52
C LEU A 1044 -18.73 -17.30 38.99
N PHE A 1045 -17.65 -16.65 39.46
CA PHE A 1045 -17.59 -16.27 40.86
C PHE A 1045 -18.64 -15.21 41.19
N ILE A 1046 -18.86 -14.28 40.27
CA ILE A 1046 -19.88 -13.25 40.47
C ILE A 1046 -21.25 -13.88 40.60
N ASN A 1047 -21.57 -14.81 39.68
CA ASN A 1047 -22.87 -15.47 39.72
C ASN A 1047 -23.05 -16.25 41.02
N SER A 1048 -22.02 -16.99 41.44
CA SER A 1048 -22.11 -17.77 42.67
C SER A 1048 -22.32 -16.86 43.88
N PHE A 1049 -21.57 -15.76 43.96
CA PHE A 1049 -21.77 -14.80 45.03
C PHE A 1049 -23.17 -14.23 45.01
N ALA A 1050 -23.72 -14.00 43.82
CA ALA A 1050 -25.08 -13.48 43.72
C ALA A 1050 -26.09 -14.47 44.29
N TYR A 1051 -25.97 -15.74 43.91
CA TYR A 1051 -26.89 -16.74 44.42
C TYR A 1051 -26.78 -16.88 45.93
N TRP A 1052 -25.55 -16.81 46.46
CA TRP A 1052 -25.38 -16.88 47.91
C TRP A 1052 -26.04 -15.71 48.61
N PHE A 1053 -25.75 -14.49 48.14
CA PHE A 1053 -26.33 -13.29 48.73
C PHE A 1053 -27.85 -13.25 48.57
N GLY A 1054 -28.39 -13.94 47.58
CA GLY A 1054 -29.82 -14.01 47.40
C GLY A 1054 -30.49 -14.97 48.36
N SER A 1055 -29.91 -16.17 48.49
CA SER A 1055 -30.47 -17.14 49.44
C SER A 1055 -30.15 -16.80 50.88
N PHE A 1056 -29.28 -15.82 51.13
CA PHE A 1056 -29.00 -15.42 52.50
C PHE A 1056 -30.16 -14.66 53.12
N LEU A 1057 -30.55 -13.54 52.51
CA LEU A 1057 -31.59 -12.68 53.08
C LEU A 1057 -32.92 -13.39 53.16
N ILE A 1058 -33.21 -14.27 52.21
CA ILE A 1058 -34.53 -14.90 52.13
C ILE A 1058 -34.79 -15.76 53.35
N LYS A 1059 -33.75 -16.33 53.94
CA LYS A 1059 -33.94 -17.17 55.13
C LYS A 1059 -34.43 -16.35 56.31
N ARG A 1060 -33.92 -15.12 56.47
CA ARG A 1060 -34.36 -14.24 57.54
C ARG A 1060 -35.57 -13.38 57.14
N GLY A 1061 -36.26 -13.74 56.06
CA GLY A 1061 -37.52 -13.11 55.70
C GLY A 1061 -37.46 -11.62 55.46
N THR A 1062 -36.77 -11.21 54.40
CA THR A 1062 -36.66 -9.81 54.01
C THR A 1062 -37.21 -9.54 52.63
N ILE A 1063 -36.89 -10.39 51.65
CA ILE A 1063 -37.39 -10.28 50.28
C ILE A 1063 -37.81 -11.66 49.83
N LEU A 1064 -38.83 -11.70 48.97
CA LEU A 1064 -39.34 -12.95 48.42
C LEU A 1064 -38.36 -13.49 47.37
N VAL A 1065 -38.74 -14.59 46.73
CA VAL A 1065 -37.91 -15.22 45.72
C VAL A 1065 -38.12 -14.57 44.35
N ASP A 1066 -39.37 -14.33 43.98
CA ASP A 1066 -39.68 -13.86 42.64
C ASP A 1066 -39.05 -12.50 42.36
N ASP A 1067 -39.07 -11.60 43.34
CA ASP A 1067 -38.49 -10.28 43.14
C ASP A 1067 -37.00 -10.38 42.82
N PHE A 1068 -36.30 -11.27 43.50
CA PHE A 1068 -34.88 -11.46 43.25
C PHE A 1068 -34.64 -11.95 41.83
N MET A 1069 -35.39 -12.98 41.42
CA MET A 1069 -35.26 -13.54 40.08
C MET A 1069 -35.50 -12.47 39.02
N LYS A 1070 -36.53 -11.63 39.22
CA LYS A 1070 -36.83 -10.58 38.26
C LYS A 1070 -35.73 -9.54 38.23
N SER A 1071 -35.23 -9.13 39.40
CA SER A 1071 -34.17 -8.14 39.45
C SER A 1071 -32.86 -8.66 38.89
N LEU A 1072 -32.69 -9.98 38.82
CA LEU A 1072 -31.44 -10.58 38.39
C LEU A 1072 -31.42 -10.89 36.90
N PHE A 1073 -32.42 -11.61 36.39
CA PHE A 1073 -32.40 -12.05 35.00
C PHE A 1073 -32.39 -10.88 34.03
N THR A 1074 -33.18 -9.84 34.32
CA THR A 1074 -33.21 -8.66 33.47
C THR A 1074 -31.81 -8.07 33.33
N PHE A 1075 -31.17 -7.82 34.47
CA PHE A 1075 -29.84 -7.24 34.50
C PHE A 1075 -28.86 -8.08 33.70
N ILE A 1076 -28.85 -9.39 33.94
CA ILE A 1076 -27.86 -10.26 33.31
C ILE A 1076 -28.06 -10.30 31.81
N PHE A 1077 -29.28 -10.63 31.36
CA PHE A 1077 -29.51 -10.78 29.92
C PHE A 1077 -29.28 -9.47 29.19
N THR A 1078 -29.71 -8.35 29.77
CA THR A 1078 -29.55 -7.08 29.09
C THR A 1078 -28.09 -6.66 29.04
N GLY A 1079 -27.32 -6.96 30.08
CA GLY A 1079 -25.89 -6.71 30.01
C GLY A 1079 -25.23 -7.52 28.92
N SER A 1080 -25.60 -8.79 28.80
CA SER A 1080 -25.02 -9.65 27.76
C SER A 1080 -25.34 -9.10 26.36
N TYR A 1081 -26.59 -8.73 26.12
CA TYR A 1081 -26.98 -8.25 24.80
C TYR A 1081 -26.36 -6.89 24.50
N ALA A 1082 -26.28 -6.03 25.52
CA ALA A 1082 -25.65 -4.72 25.33
C ALA A 1082 -24.18 -4.87 24.98
N GLY A 1083 -23.50 -5.83 25.62
CA GLY A 1083 -22.12 -6.11 25.24
C GLY A 1083 -22.03 -6.76 23.88
N LYS A 1084 -23.07 -7.48 23.46
CA LYS A 1084 -23.06 -8.10 22.15
C LYS A 1084 -23.05 -7.04 21.06
N LEU A 1085 -24.09 -6.20 21.01
CA LEU A 1085 -24.18 -5.30 19.86
C LEU A 1085 -23.15 -4.17 19.90
N MET A 1086 -22.49 -3.96 21.04
CA MET A 1086 -21.54 -2.85 21.15
C MET A 1086 -20.34 -3.02 20.23
N SER A 1087 -20.01 -4.25 19.84
CA SER A 1087 -18.82 -4.52 19.03
C SER A 1087 -19.15 -4.45 17.54
N LEU A 1088 -19.66 -3.28 17.13
CA LEU A 1088 -19.94 -3.02 15.72
C LEU A 1088 -19.56 -1.60 15.31
N LYS A 1089 -18.83 -0.86 16.15
CA LYS A 1089 -18.49 0.52 15.84
C LYS A 1089 -17.54 0.58 14.64
N GLY A 1090 -17.33 1.80 14.16
CA GLY A 1090 -16.37 2.10 13.12
C GLY A 1090 -15.41 3.19 13.54
N ASP A 1091 -14.57 3.65 12.61
CA ASP A 1091 -13.56 4.66 12.91
C ASP A 1091 -14.22 6.02 12.91
N SER A 1092 -14.43 6.57 14.11
CA SER A 1092 -15.10 7.86 14.26
C SER A 1092 -14.12 9.02 14.29
N GLU A 1093 -12.97 8.84 14.94
CA GLU A 1093 -12.07 9.98 15.19
C GLU A 1093 -11.38 10.42 13.90
N ASN A 1094 -10.88 9.47 13.12
CA ASN A 1094 -10.13 9.82 11.91
C ASN A 1094 -11.00 10.54 10.90
N ALA A 1095 -12.30 10.19 10.83
CA ALA A 1095 -13.19 10.87 9.90
C ALA A 1095 -13.44 12.31 10.32
N LYS A 1096 -13.69 12.52 11.62
CA LYS A 1096 -13.83 13.88 12.14
C LYS A 1096 -12.55 14.68 11.94
N LEU A 1097 -11.40 14.02 11.97
CA LEU A 1097 -10.14 14.68 11.73
C LEU A 1097 -10.00 15.09 10.27
N SER A 1098 -10.27 14.16 9.36
CA SER A 1098 -10.08 14.42 7.94
C SER A 1098 -11.08 15.43 7.40
N PHE A 1099 -12.29 15.47 7.98
CA PHE A 1099 -13.28 16.44 7.56
C PHE A 1099 -12.74 17.86 7.66
N GLU A 1100 -11.92 18.12 8.68
CA GLU A 1100 -11.27 19.42 8.78
C GLU A 1100 -10.11 19.54 7.79
N LYS A 1101 -9.51 18.44 7.36
CA LYS A 1101 -8.48 18.54 6.33
C LYS A 1101 -9.07 19.05 5.03
N TYR A 1102 -10.18 18.46 4.58
CA TYR A 1102 -10.72 18.79 3.26
C TYR A 1102 -11.94 19.69 3.31
N TYR A 1103 -12.27 20.28 4.45
CA TYR A 1103 -13.39 21.21 4.46
C TYR A 1103 -13.13 22.49 3.66
N PRO A 1104 -11.93 23.09 3.70
CA PRO A 1104 -11.75 24.35 2.96
C PRO A 1104 -11.97 24.19 1.46
N LEU A 1105 -11.71 23.01 0.91
CA LEU A 1105 -11.70 22.84 -0.54
C LEU A 1105 -13.08 23.02 -1.15
N MET A 1106 -14.14 22.61 -0.44
CA MET A 1106 -15.50 22.84 -0.91
C MET A 1106 -15.98 24.27 -0.68
N ILE A 1107 -15.17 25.13 -0.07
CA ILE A 1107 -15.52 26.52 0.20
C ILE A 1107 -14.40 27.48 -0.19
N ARG A 1108 -13.22 26.95 -0.53
CA ARG A 1108 -12.06 27.81 -0.75
C ARG A 1108 -12.26 28.74 -1.93
N LYS A 1109 -11.85 30.00 -1.75
CA LYS A 1109 -11.96 31.02 -2.78
C LYS A 1109 -10.89 30.83 -3.86
N SER A 1110 -11.28 31.02 -5.12
CA SER A 1110 -10.40 30.85 -6.26
C SER A 1110 -10.11 32.13 -7.01
N ASN A 1111 -11.00 33.12 -6.93
CA ASN A 1111 -10.93 34.45 -7.58
C ASN A 1111 -10.73 34.36 -9.10
N ILE A 1112 -11.01 33.21 -9.72
CA ILE A 1112 -11.15 33.10 -11.17
C ILE A 1112 -12.30 32.12 -11.38
N ASP A 1113 -13.45 32.63 -11.83
CA ASP A 1113 -14.67 31.85 -11.92
C ASP A 1113 -15.27 32.07 -13.30
N VAL A 1114 -15.43 30.97 -14.05
CA VAL A 1114 -16.12 31.03 -15.33
C VAL A 1114 -17.57 31.46 -15.17
N ARG A 1115 -18.16 31.26 -13.99
CA ARG A 1115 -19.56 31.60 -13.79
C ARG A 1115 -19.75 33.10 -13.65
N ASP A 1116 -18.79 33.79 -13.03
CA ASP A 1116 -18.89 35.23 -12.84
C ASP A 1116 -18.93 35.92 -14.20
N ASP A 1117 -20.08 36.48 -14.55
CA ASP A 1117 -20.32 37.06 -15.87
C ASP A 1117 -20.50 38.57 -15.82
N GLY A 1118 -19.73 39.23 -14.96
CA GLY A 1118 -19.73 40.68 -14.89
C GLY A 1118 -18.74 41.28 -15.86
N GLY A 1119 -19.21 41.70 -17.03
CA GLY A 1119 -18.35 42.25 -18.04
C GLY A 1119 -19.02 42.27 -19.39
N ILE A 1120 -18.30 42.84 -20.36
CA ILE A 1120 -18.82 42.95 -21.72
C ILE A 1120 -18.85 41.57 -22.35
N ARG A 1121 -19.88 41.32 -23.16
CA ARG A 1121 -19.97 40.09 -23.94
C ARG A 1121 -19.29 40.29 -25.29
N ILE A 1122 -18.59 39.27 -25.74
CA ILE A 1122 -17.86 39.30 -27.01
C ILE A 1122 -18.79 38.73 -28.07
N ASN A 1123 -19.54 39.60 -28.73
CA ASN A 1123 -20.28 39.19 -29.92
C ASN A 1123 -19.31 38.66 -30.98
N LYS A 1124 -19.55 37.44 -31.45
CA LYS A 1124 -18.63 36.79 -32.36
C LYS A 1124 -18.99 37.10 -33.82
N ASN A 1125 -19.14 38.39 -34.11
CA ASN A 1125 -19.23 38.86 -35.49
C ASN A 1125 -18.38 40.10 -35.76
N LEU A 1126 -18.15 40.97 -34.77
CA LEU A 1126 -17.32 42.17 -34.94
C LEU A 1126 -15.95 41.92 -34.32
N ILE A 1127 -15.16 41.10 -34.99
CA ILE A 1127 -13.84 40.70 -34.50
C ILE A 1127 -12.88 40.64 -35.69
N LYS A 1128 -11.68 41.17 -35.48
CA LYS A 1128 -10.58 41.09 -36.43
C LYS A 1128 -9.43 40.23 -35.94
N GLY A 1129 -9.06 40.37 -34.68
CA GLY A 1129 -8.00 39.58 -34.08
C GLY A 1129 -6.70 40.33 -33.94
N LYS A 1130 -6.78 41.61 -33.57
CA LYS A 1130 -5.59 42.44 -33.38
C LYS A 1130 -5.12 42.31 -31.94
N VAL A 1131 -3.99 41.64 -31.76
CA VAL A 1131 -3.37 41.45 -30.44
C VAL A 1131 -2.18 42.39 -30.34
N ASP A 1132 -1.99 42.97 -29.16
CA ASP A 1132 -0.89 43.90 -28.90
C ASP A 1132 -0.33 43.63 -27.52
N ILE A 1133 0.94 43.98 -27.35
CA ILE A 1133 1.67 43.77 -26.10
C ILE A 1133 2.36 45.08 -25.76
N LYS A 1134 1.90 45.75 -24.71
CA LYS A 1134 2.54 47.01 -24.31
C LYS A 1134 3.89 46.76 -23.68
N ASP A 1135 3.91 45.90 -22.66
CA ASP A 1135 5.10 45.64 -21.86
C ASP A 1135 4.80 44.44 -20.97
N VAL A 1136 5.79 43.58 -20.76
CA VAL A 1136 5.62 42.38 -19.96
C VAL A 1136 6.90 42.09 -19.20
N ASN A 1137 6.74 41.69 -17.93
CA ASN A 1137 7.85 41.20 -17.12
C ASN A 1137 7.24 40.16 -16.16
N PHE A 1138 7.31 38.90 -16.56
CA PHE A 1138 6.57 37.83 -15.91
C PHE A 1138 7.53 36.82 -15.29
N ARG A 1139 7.09 36.22 -14.18
CA ARG A 1139 7.86 35.19 -13.50
C ARG A 1139 6.88 34.27 -12.77
N TYR A 1140 7.22 32.99 -12.71
CA TYR A 1140 6.40 32.04 -11.97
C TYR A 1140 6.62 32.20 -10.47
N ILE A 1141 5.62 31.79 -9.71
CA ILE A 1141 5.73 31.77 -8.26
C ILE A 1141 6.46 30.51 -7.78
N SER A 1142 6.53 29.47 -8.62
CA SER A 1142 7.30 28.28 -8.27
C SER A 1142 8.76 28.62 -7.94
N ARG A 1143 9.32 29.60 -8.63
CA ARG A 1143 10.62 30.17 -8.26
C ARG A 1143 10.55 31.67 -8.54
N PRO A 1144 10.48 32.54 -7.47
CA PRO A 1144 10.56 33.99 -7.67
C PRO A 1144 11.99 34.52 -7.73
N ASN A 1145 12.82 33.87 -8.57
CA ASN A 1145 14.20 34.30 -8.77
C ASN A 1145 14.64 34.30 -10.23
N VAL A 1146 13.92 33.63 -11.13
CA VAL A 1146 14.35 33.46 -12.52
C VAL A 1146 13.54 34.37 -13.43
N PRO A 1147 14.04 35.52 -13.87
CA PRO A 1147 13.29 36.32 -14.83
C PRO A 1147 13.14 35.59 -16.16
N ILE A 1148 11.95 35.69 -16.75
CA ILE A 1148 11.59 34.94 -17.93
C ILE A 1148 11.35 35.85 -19.12
N TYR A 1149 10.70 36.99 -18.90
CA TYR A 1149 10.40 37.97 -19.93
C TYR A 1149 11.00 39.31 -19.52
N LYS A 1150 11.75 39.92 -20.43
CA LYS A 1150 12.36 41.22 -20.21
C LYS A 1150 11.74 42.19 -21.22
N ASN A 1151 10.58 42.73 -20.85
CA ASN A 1151 9.92 43.79 -21.62
C ASN A 1151 9.61 43.33 -23.05
N LEU A 1152 8.75 42.32 -23.15
CA LEU A 1152 8.30 41.88 -24.46
C LEU A 1152 7.44 42.96 -25.12
N SER A 1153 7.47 42.97 -26.45
CA SER A 1153 6.60 43.87 -27.22
C SER A 1153 6.56 43.40 -28.66
N PHE A 1154 5.36 43.06 -29.14
CA PHE A 1154 5.12 42.80 -30.55
C PHE A 1154 3.61 42.76 -30.76
N THR A 1155 3.20 42.65 -32.02
CA THR A 1155 1.80 42.74 -32.40
C THR A 1155 1.48 41.74 -33.49
N CYS A 1156 0.18 41.56 -33.72
CA CYS A 1156 -0.32 40.73 -34.82
C CYS A 1156 -1.61 41.41 -35.30
N ASP A 1157 -1.60 41.93 -36.52
CA ASP A 1157 -2.60 42.94 -36.88
C ASP A 1157 -3.95 42.33 -37.23
N SER A 1158 -4.05 41.60 -38.34
CA SER A 1158 -5.33 41.07 -38.77
C SER A 1158 -5.21 40.04 -39.88
N LYS A 1159 -5.66 38.81 -39.62
CA LYS A 1159 -5.82 37.77 -40.64
C LYS A 1159 -4.52 37.52 -41.42
N LYS A 1160 -3.39 37.62 -40.74
CA LYS A 1160 -2.09 37.32 -41.33
C LYS A 1160 -1.27 36.53 -40.31
N THR A 1161 -0.59 35.49 -40.80
CA THR A 1161 0.18 34.63 -39.92
C THR A 1161 1.35 35.39 -39.31
N THR A 1162 1.66 35.06 -38.06
CA THR A 1162 2.82 35.58 -37.35
C THR A 1162 3.57 34.39 -36.77
N ALA A 1163 4.60 33.93 -37.47
CA ALA A 1163 5.42 32.84 -37.02
C ALA A 1163 6.40 33.32 -35.95
N ILE A 1164 6.79 32.39 -35.09
CA ILE A 1164 7.70 32.67 -33.98
C ILE A 1164 8.81 31.62 -34.03
N VAL A 1165 10.01 32.06 -34.41
CA VAL A 1165 11.19 31.21 -34.45
C VAL A 1165 12.17 31.71 -33.41
N GLY A 1166 12.63 30.81 -32.56
CA GLY A 1166 13.56 31.18 -31.51
C GLY A 1166 14.29 29.95 -31.00
N GLU A 1167 15.11 30.17 -29.97
CA GLU A 1167 15.86 29.07 -29.38
C GLU A 1167 14.91 28.07 -28.75
N THR A 1168 15.12 26.79 -29.07
CA THR A 1168 14.26 25.75 -28.53
C THR A 1168 14.39 25.67 -27.02
N GLY A 1169 13.26 25.68 -26.32
CA GLY A 1169 13.25 25.70 -24.88
C GLY A 1169 13.36 27.08 -24.26
N SER A 1170 13.24 28.14 -25.06
CA SER A 1170 13.35 29.50 -24.56
C SER A 1170 12.06 30.02 -23.92
N GLY A 1171 11.03 29.19 -23.80
CA GLY A 1171 9.77 29.61 -23.20
C GLY A 1171 8.83 30.24 -24.19
N LYS A 1172 8.68 29.63 -25.36
CA LYS A 1172 7.78 30.16 -26.38
C LYS A 1172 6.32 29.84 -26.06
N SER A 1173 6.05 28.62 -25.61
CA SER A 1173 4.68 28.16 -25.35
C SER A 1173 4.27 28.50 -23.92
N THR A 1174 4.37 29.79 -23.60
CA THR A 1174 3.96 30.31 -22.30
C THR A 1174 3.04 31.52 -22.47
N PHE A 1175 3.25 32.27 -23.55
CA PHE A 1175 2.37 33.39 -23.87
C PHE A 1175 0.93 32.92 -24.09
N MET A 1176 0.76 31.69 -24.58
CA MET A 1176 -0.57 31.14 -24.77
C MET A 1176 -1.32 31.07 -23.44
N ASN A 1177 -0.64 30.60 -22.40
CA ASN A 1177 -1.27 30.51 -21.09
C ASN A 1177 -1.62 31.88 -20.54
N LEU A 1178 -0.80 32.89 -20.85
CA LEU A 1178 -1.12 34.26 -20.44
C LEU A 1178 -2.36 34.75 -21.15
N LEU A 1179 -2.51 34.41 -22.44
CA LEU A 1179 -3.63 34.92 -23.21
C LEU A 1179 -4.96 34.36 -22.73
N LEU A 1180 -4.99 33.08 -22.37
CA LEU A 1180 -6.22 32.40 -21.98
C LEU A 1180 -6.54 32.59 -20.49
N ARG A 1181 -5.86 33.51 -19.80
CA ARG A 1181 -6.13 33.81 -18.40
C ARG A 1181 -5.98 32.59 -17.50
N PHE A 1182 -5.00 31.72 -17.83
CA PHE A 1182 -4.53 30.75 -16.85
C PHE A 1182 -3.68 31.41 -15.79
N TYR A 1183 -3.19 32.63 -16.04
CA TYR A 1183 -2.51 33.45 -15.06
C TYR A 1183 -2.88 34.89 -15.30
N ASP A 1184 -2.62 35.74 -14.30
CA ASP A 1184 -3.05 37.12 -14.31
C ASP A 1184 -1.89 38.02 -13.91
N LEU A 1185 -2.12 39.33 -14.00
CA LEU A 1185 -1.09 40.33 -13.76
C LEU A 1185 -1.67 41.53 -13.00
N ASN A 1234 2.24 42.54 -13.69
CA ASN A 1234 3.56 43.03 -14.08
C ASN A 1234 3.71 42.95 -15.60
N GLY A 1235 2.66 43.34 -16.31
CA GLY A 1235 2.67 43.33 -17.76
C GLY A 1235 1.31 43.78 -18.27
N GLU A 1236 1.25 44.01 -19.58
CA GLU A 1236 0.05 44.58 -20.19
C GLU A 1236 -0.15 44.02 -21.60
N ILE A 1237 -1.27 43.34 -21.78
CA ILE A 1237 -1.70 42.77 -23.06
C ILE A 1237 -2.98 43.47 -23.47
N LEU A 1238 -3.12 43.76 -24.76
CA LEU A 1238 -4.30 44.43 -25.29
C LEU A 1238 -4.89 43.64 -26.45
N LEU A 1239 -6.21 43.71 -26.57
CA LEU A 1239 -6.97 43.11 -27.65
C LEU A 1239 -7.87 44.20 -28.22
N ASP A 1240 -7.56 44.64 -29.44
CA ASP A 1240 -8.25 45.78 -30.06
C ASP A 1240 -8.15 47.02 -29.16
N ASP A 1241 -6.96 47.24 -28.59
CA ASP A 1241 -6.68 48.39 -27.74
C ASP A 1241 -7.56 48.39 -26.49
N ILE A 1242 -7.87 47.21 -25.96
CA ILE A 1242 -8.72 47.07 -24.79
C ILE A 1242 -8.07 46.07 -23.84
N ASN A 1243 -8.12 46.36 -22.54
CA ASN A 1243 -7.58 45.46 -21.53
C ASN A 1243 -8.37 44.14 -21.52
N ILE A 1244 -7.76 43.11 -20.94
CA ILE A 1244 -8.33 41.77 -20.99
C ILE A 1244 -9.36 41.51 -19.90
N CYS A 1245 -9.32 42.24 -18.78
CA CYS A 1245 -10.12 41.90 -17.60
C CYS A 1245 -11.54 42.46 -17.66
N ASP A 1246 -12.06 42.77 -18.84
CA ASP A 1246 -13.38 43.36 -19.00
C ASP A 1246 -14.12 42.68 -20.15
N TYR A 1247 -14.12 41.34 -20.16
CA TYR A 1247 -14.56 40.58 -21.33
C TYR A 1247 -15.54 39.45 -21.06
N ASN A 1248 -15.89 39.14 -19.81
CA ASN A 1248 -16.77 38.00 -19.53
C ASN A 1248 -16.11 36.72 -20.06
N LEU A 1249 -15.03 36.35 -19.38
CA LEU A 1249 -14.02 35.43 -19.89
C LEU A 1249 -14.57 34.13 -20.46
N ARG A 1250 -15.80 33.73 -20.12
CA ARG A 1250 -16.43 32.61 -20.81
C ARG A 1250 -16.45 32.85 -22.31
N ASP A 1251 -16.77 34.08 -22.72
CA ASP A 1251 -16.77 34.42 -24.13
C ASP A 1251 -15.35 34.60 -24.65
N LEU A 1252 -14.42 35.06 -23.80
CA LEU A 1252 -13.03 35.19 -24.22
C LEU A 1252 -12.42 33.85 -24.55
N ARG A 1253 -12.82 32.80 -23.84
CA ARG A 1253 -12.42 31.45 -24.18
C ARG A 1253 -13.29 30.80 -25.23
N ASN A 1254 -14.30 31.52 -25.74
CA ASN A 1254 -15.23 30.98 -26.72
C ASN A 1254 -14.78 31.22 -28.16
N LEU A 1255 -13.74 32.03 -28.39
CA LEU A 1255 -13.29 32.40 -29.73
C LEU A 1255 -11.84 32.04 -29.97
N PHE A 1256 -11.33 31.00 -29.30
CA PHE A 1256 -9.98 30.50 -29.52
C PHE A 1256 -10.01 28.98 -29.64
N SER A 1257 -8.87 28.43 -30.09
CA SER A 1257 -8.68 27.00 -30.16
C SER A 1257 -7.19 26.73 -30.27
N ILE A 1258 -6.67 25.92 -29.36
CA ILE A 1258 -5.24 25.65 -29.26
C ILE A 1258 -4.95 24.27 -29.83
N VAL A 1259 -3.66 23.98 -29.98
CA VAL A 1259 -3.18 22.66 -30.38
C VAL A 1259 -1.90 22.40 -29.60
N SER A 1260 -1.95 21.47 -28.65
CA SER A 1260 -0.81 21.17 -27.81
C SER A 1260 0.20 20.32 -28.58
N GLN A 1261 1.26 19.91 -27.88
CA GLN A 1261 2.24 19.01 -28.48
C GLN A 1261 1.62 17.63 -28.70
N GLU A 1262 0.95 17.10 -27.67
CA GLU A 1262 0.14 15.90 -27.80
C GLU A 1262 -1.26 16.24 -27.31
N PRO A 1263 -2.32 15.96 -28.10
CA PRO A 1263 -3.67 16.14 -27.55
C PRO A 1263 -4.03 15.04 -26.57
N MET A 1264 -5.28 15.02 -26.12
CA MET A 1264 -5.76 14.02 -25.18
C MET A 1264 -7.15 13.57 -25.60
N LEU A 1265 -7.38 12.27 -25.55
CA LEU A 1265 -8.64 11.65 -25.93
C LEU A 1265 -9.25 10.98 -24.71
N PHE A 1266 -10.36 11.53 -24.25
CA PHE A 1266 -11.06 10.99 -23.10
C PHE A 1266 -11.69 9.64 -23.46
N ASN A 1267 -12.31 9.02 -22.45
CA ASN A 1267 -12.91 7.70 -22.60
C ASN A 1267 -14.35 7.78 -23.09
N MET A 1268 -14.73 8.87 -23.75
CA MET A 1268 -16.03 8.98 -24.38
C MET A 1268 -15.93 8.62 -25.86
N SER A 1269 -17.06 8.63 -26.54
CA SER A 1269 -17.07 8.26 -27.95
C SER A 1269 -16.31 9.29 -28.78
N ILE A 1270 -15.96 8.88 -29.99
CA ILE A 1270 -15.37 9.80 -30.95
C ILE A 1270 -16.34 10.93 -31.26
N TYR A 1271 -17.63 10.59 -31.34
CA TYR A 1271 -18.67 11.59 -31.52
C TYR A 1271 -18.63 12.66 -30.44
N GLU A 1272 -18.57 12.23 -29.17
CA GLU A 1272 -18.54 13.18 -28.07
C GLU A 1272 -17.16 13.81 -27.89
N ASN A 1273 -16.09 13.07 -28.16
CA ASN A 1273 -14.76 13.66 -28.14
C ASN A 1273 -14.66 14.83 -29.10
N ILE A 1274 -15.25 14.69 -30.28
CA ILE A 1274 -15.24 15.80 -31.23
C ILE A 1274 -16.24 16.86 -30.81
N LYS A 1275 -17.38 16.45 -30.26
CA LYS A 1275 -18.39 17.39 -29.78
C LYS A 1275 -18.08 17.95 -28.39
N PHE A 1276 -16.92 17.62 -27.83
CA PHE A 1276 -16.52 18.21 -26.56
C PHE A 1276 -16.43 19.73 -26.70
N GLY A 1277 -16.94 20.42 -25.71
CA GLY A 1277 -17.01 21.89 -25.74
C GLY A 1277 -18.32 22.45 -26.24
N ARG A 1278 -18.81 21.94 -27.37
CA ARG A 1278 -20.08 22.37 -27.96
C ARG A 1278 -21.02 21.18 -28.02
N GLU A 1279 -22.04 21.18 -27.16
CA GLU A 1279 -22.97 20.06 -27.10
C GLU A 1279 -23.89 20.02 -28.31
N ASP A 1280 -24.33 21.20 -28.77
CA ASP A 1280 -25.28 21.28 -29.88
C ASP A 1280 -24.52 21.23 -31.21
N ALA A 1281 -24.63 20.10 -31.91
CA ALA A 1281 -23.97 19.94 -33.19
C ALA A 1281 -24.48 18.67 -33.85
N THR A 1282 -24.62 18.71 -35.16
CA THR A 1282 -25.12 17.58 -35.93
C THR A 1282 -23.96 16.68 -36.36
N LEU A 1283 -24.31 15.41 -36.62
CA LEU A 1283 -23.32 14.46 -37.10
C LEU A 1283 -22.82 14.83 -38.49
N GLU A 1284 -23.65 15.48 -39.30
CA GLU A 1284 -23.23 15.88 -40.63
C GLU A 1284 -22.18 16.98 -40.57
N ASP A 1285 -22.29 17.90 -39.61
CA ASP A 1285 -21.25 18.90 -39.43
C ASP A 1285 -19.94 18.26 -39.01
N VAL A 1286 -20.02 17.19 -38.22
CA VAL A 1286 -18.82 16.45 -37.85
C VAL A 1286 -18.20 15.78 -39.06
N LYS A 1287 -19.03 15.19 -39.92
CA LYS A 1287 -18.50 14.61 -41.16
C LYS A 1287 -17.89 15.67 -42.06
N ARG A 1288 -18.45 16.88 -42.05
CA ARG A 1288 -17.91 17.98 -42.83
C ARG A 1288 -16.53 18.39 -42.32
N VAL A 1289 -16.47 18.84 -41.07
CA VAL A 1289 -15.22 19.37 -40.53
C VAL A 1289 -14.15 18.30 -40.40
N SER A 1290 -14.53 17.02 -40.38
CA SER A 1290 -13.57 15.92 -40.39
C SER A 1290 -12.92 15.72 -41.76
N LYS A 1291 -13.36 16.45 -42.78
CA LYS A 1291 -12.74 16.37 -44.10
C LYS A 1291 -11.45 17.16 -44.18
N PHE A 1292 -11.38 18.32 -43.53
CA PHE A 1292 -10.15 19.10 -43.53
C PHE A 1292 -9.00 18.32 -42.91
N ALA A 1293 -9.25 17.66 -41.78
CA ALA A 1293 -8.25 16.80 -41.18
C ALA A 1293 -7.99 15.55 -42.00
N ALA A 1294 -8.84 15.24 -42.98
CA ALA A 1294 -8.63 14.14 -43.92
C ALA A 1294 -8.58 12.80 -43.21
N ILE A 1295 -9.40 12.66 -42.17
CA ILE A 1295 -9.49 11.43 -41.39
C ILE A 1295 -10.82 10.69 -41.59
N ASP A 1296 -11.79 11.30 -42.27
CA ASP A 1296 -13.10 10.67 -42.40
C ASP A 1296 -13.16 9.63 -43.53
N GLU A 1297 -12.18 8.74 -43.57
CA GLU A 1297 -12.22 7.50 -44.33
C GLU A 1297 -11.79 6.31 -43.49
N PHE A 1298 -10.81 6.49 -42.61
CA PHE A 1298 -10.42 5.43 -41.69
C PHE A 1298 -11.55 5.10 -40.73
N ILE A 1299 -12.32 6.11 -40.32
CA ILE A 1299 -13.45 5.87 -39.42
C ILE A 1299 -14.50 5.01 -40.10
N GLU A 1300 -14.63 5.13 -41.42
CA GLU A 1300 -15.52 4.26 -42.20
C GLU A 1300 -14.80 2.99 -42.63
N SER A 1301 -14.16 2.32 -41.66
CA SER A 1301 -13.44 1.08 -41.90
C SER A 1301 -13.64 0.09 -40.76
N LEU A 1302 -14.67 0.26 -39.93
CA LEU A 1302 -14.90 -0.59 -38.77
C LEU A 1302 -16.31 -0.33 -38.25
N PRO A 1303 -17.01 -1.30 -37.68
CA PRO A 1303 -18.32 -1.02 -37.10
C PRO A 1303 -18.23 -0.05 -35.95
N ASN A 1304 -19.38 0.54 -35.61
CA ASN A 1304 -19.46 1.59 -34.58
C ASN A 1304 -18.51 2.73 -34.91
N LYS A 1305 -18.76 3.36 -36.06
CA LYS A 1305 -17.87 4.39 -36.60
C LYS A 1305 -17.76 5.57 -35.64
N TYR A 1306 -18.88 6.28 -35.43
CA TYR A 1306 -18.95 7.35 -34.45
C TYR A 1306 -19.49 6.86 -33.11
N ASP A 1307 -19.27 5.58 -32.80
CA ASP A 1307 -19.70 4.99 -31.54
C ASP A 1307 -18.61 4.18 -30.86
N THR A 1308 -17.55 3.79 -31.55
CA THR A 1308 -16.46 3.07 -30.92
C THR A 1308 -15.77 3.97 -29.90
N ASN A 1309 -15.78 3.55 -28.64
CA ASN A 1309 -15.20 4.34 -27.57
C ASN A 1309 -13.71 4.07 -27.50
N VAL A 1310 -12.91 5.12 -27.66
CA VAL A 1310 -11.47 4.98 -27.53
C VAL A 1310 -11.11 4.60 -26.10
N GLY A 1311 -9.90 4.08 -25.93
CA GLY A 1311 -9.44 3.64 -24.64
C GLY A 1311 -9.09 4.80 -23.73
N PRO A 1312 -8.62 4.48 -22.53
CA PRO A 1312 -8.24 5.53 -21.59
C PRO A 1312 -6.98 6.27 -22.03
N TYR A 1313 -7.02 7.59 -21.90
CA TYR A 1313 -5.90 8.46 -22.27
C TYR A 1313 -5.56 8.36 -23.76
N GLY A 1314 -6.50 7.91 -24.58
CA GLY A 1314 -6.24 7.75 -26.00
C GLY A 1314 -5.20 6.71 -26.33
N LYS A 1315 -5.19 5.59 -25.60
CA LYS A 1315 -4.20 4.53 -25.79
C LYS A 1315 -4.66 3.44 -26.74
N SER A 1316 -5.74 3.67 -27.49
CA SER A 1316 -6.25 2.69 -28.46
C SER A 1316 -6.19 3.23 -29.89
N LEU A 1317 -5.35 4.23 -30.14
CA LEU A 1317 -5.21 4.81 -31.47
C LEU A 1317 -3.76 5.25 -31.66
N SER A 1318 -3.47 5.78 -32.84
CA SER A 1318 -2.13 6.22 -33.18
C SER A 1318 -1.91 7.66 -32.69
N GLY A 1319 -0.80 8.26 -33.10
CA GLY A 1319 -0.50 9.64 -32.76
C GLY A 1319 -1.01 10.61 -33.80
N GLY A 1320 -1.04 10.18 -35.06
CA GLY A 1320 -1.52 11.02 -36.14
C GLY A 1320 -3.03 11.13 -36.16
N GLN A 1321 -3.70 9.98 -35.99
CA GLN A 1321 -5.15 9.99 -35.81
C GLN A 1321 -5.56 10.89 -34.67
N LYS A 1322 -4.82 10.83 -33.56
CA LYS A 1322 -5.11 11.65 -32.40
C LYS A 1322 -5.04 13.13 -32.75
N GLN A 1323 -3.97 13.54 -33.42
CA GLN A 1323 -3.79 14.94 -33.74
C GLN A 1323 -4.82 15.42 -34.75
N ARG A 1324 -5.18 14.57 -35.71
CA ARG A 1324 -6.19 14.94 -36.69
C ARG A 1324 -7.55 15.10 -36.02
N ILE A 1325 -7.88 14.23 -35.07
CA ILE A 1325 -9.13 14.37 -34.33
C ILE A 1325 -9.11 15.65 -33.51
N ALA A 1326 -7.97 15.97 -32.90
CA ALA A 1326 -7.86 17.21 -32.15
C ALA A 1326 -8.07 18.42 -33.05
N ILE A 1327 -7.51 18.37 -34.26
CA ILE A 1327 -7.67 19.47 -35.20
C ILE A 1327 -9.13 19.61 -35.62
N ALA A 1328 -9.80 18.49 -35.86
CA ALA A 1328 -11.22 18.54 -36.21
C ALA A 1328 -12.04 19.12 -35.07
N ARG A 1329 -11.69 18.76 -33.83
CA ARG A 1329 -12.39 19.31 -32.67
C ARG A 1329 -12.18 20.81 -32.59
N ALA A 1330 -10.96 21.27 -32.86
CA ALA A 1330 -10.68 22.70 -32.82
C ALA A 1330 -11.41 23.45 -33.92
N LEU A 1331 -11.56 22.84 -35.10
CA LEU A 1331 -12.16 23.51 -36.23
C LEU A 1331 -13.69 23.49 -36.19
N LEU A 1332 -14.27 22.52 -35.50
CA LEU A 1332 -15.73 22.44 -35.43
C LEU A 1332 -16.32 23.69 -34.79
N ARG A 1333 -15.61 24.31 -33.86
CA ARG A 1333 -16.11 25.47 -33.14
C ARG A 1333 -16.15 26.74 -33.97
N GLU A 1334 -15.65 26.70 -35.21
CA GLU A 1334 -15.46 27.90 -36.03
C GLU A 1334 -14.63 28.93 -35.25
N PRO A 1335 -13.40 28.59 -34.88
CA PRO A 1335 -12.62 29.50 -34.04
C PRO A 1335 -12.18 30.73 -34.82
N LYS A 1336 -12.42 31.89 -34.22
CA LYS A 1336 -12.05 33.15 -34.86
C LYS A 1336 -10.54 33.35 -34.86
N ILE A 1337 -9.84 32.80 -33.87
CA ILE A 1337 -8.38 32.88 -33.78
C ILE A 1337 -7.84 31.49 -33.49
N LEU A 1338 -6.74 31.15 -34.13
CA LEU A 1338 -6.11 29.83 -33.99
C LEU A 1338 -4.72 30.00 -33.39
N LEU A 1339 -4.29 28.97 -32.66
CA LEU A 1339 -3.06 29.02 -31.88
C LEU A 1339 -2.40 27.64 -31.94
N LEU A 1340 -1.40 27.48 -32.80
CA LEU A 1340 -0.73 26.21 -32.97
C LEU A 1340 0.53 26.13 -32.10
N ASP A 1341 1.07 24.92 -31.98
CA ASP A 1341 2.28 24.69 -31.22
C ASP A 1341 2.88 23.36 -31.66
N GLU A 1342 4.06 23.41 -32.30
CA GLU A 1342 4.79 22.21 -32.71
C GLU A 1342 3.93 21.33 -33.63
N ALA A 1343 3.68 21.90 -34.82
CA ALA A 1343 2.69 21.37 -35.74
C ALA A 1343 2.91 19.90 -36.08
N THR A 1344 4.07 19.57 -36.64
CA THR A 1344 4.33 18.27 -37.26
C THR A 1344 5.67 17.71 -36.78
N SER A 1345 5.85 17.67 -35.46
CA SER A 1345 7.14 17.29 -34.89
C SER A 1345 7.54 15.87 -35.22
N SER A 1346 6.56 14.96 -35.43
CA SER A 1346 6.86 13.54 -35.62
C SER A 1346 6.02 12.86 -36.69
N LEU A 1347 5.18 13.58 -37.43
CA LEU A 1347 4.34 12.93 -38.42
C LEU A 1347 5.14 12.60 -39.67
N ASP A 1348 4.60 11.66 -40.45
CA ASP A 1348 5.16 11.37 -41.76
C ASP A 1348 4.95 12.56 -42.70
N SER A 1349 5.67 12.54 -43.82
CA SER A 1349 5.58 13.65 -44.76
C SER A 1349 4.19 13.78 -45.36
N ASN A 1350 3.46 12.68 -45.50
CA ASN A 1350 2.14 12.73 -46.12
C ASN A 1350 1.17 13.53 -45.26
N SER A 1351 0.96 13.09 -44.02
CA SER A 1351 0.09 13.84 -43.11
C SER A 1351 0.62 15.25 -42.88
N GLU A 1352 1.94 15.40 -42.86
CA GLU A 1352 2.56 16.71 -42.69
C GLU A 1352 2.11 17.67 -43.79
N LYS A 1353 2.24 17.26 -45.05
CA LYS A 1353 1.90 18.15 -46.15
C LYS A 1353 0.40 18.32 -46.29
N LEU A 1354 -0.39 17.29 -45.95
CA LEU A 1354 -1.84 17.47 -45.91
C LEU A 1354 -2.22 18.55 -44.90
N ILE A 1355 -1.61 18.50 -43.71
CA ILE A 1355 -1.87 19.49 -42.68
C ILE A 1355 -1.48 20.87 -43.19
N GLU A 1356 -0.27 21.01 -43.73
CA GLU A 1356 0.19 22.31 -44.21
C GLU A 1356 -0.70 22.83 -45.33
N LYS A 1357 -1.22 21.93 -46.16
CA LYS A 1357 -2.20 22.31 -47.18
C LYS A 1357 -3.43 22.91 -46.51
N THR A 1358 -3.94 22.29 -45.44
CA THR A 1358 -5.06 22.85 -44.69
C THR A 1358 -4.71 24.22 -44.12
N ILE A 1359 -3.48 24.34 -43.63
CA ILE A 1359 -3.06 25.60 -43.03
C ILE A 1359 -3.12 26.72 -44.06
N VAL A 1360 -2.50 26.50 -45.22
CA VAL A 1360 -2.45 27.57 -46.23
C VAL A 1360 -3.84 27.83 -46.80
N ASP A 1361 -4.64 26.77 -46.99
CA ASP A 1361 -5.97 26.95 -47.54
C ASP A 1361 -6.86 27.73 -46.58
N ILE A 1362 -6.70 27.51 -45.28
CA ILE A 1362 -7.48 28.23 -44.28
C ILE A 1362 -6.93 29.63 -44.06
N LYS A 1363 -5.64 29.84 -44.32
CA LYS A 1363 -5.08 31.19 -44.30
C LYS A 1363 -5.56 32.01 -45.49
N ASP A 1364 -5.85 31.35 -46.62
CA ASP A 1364 -6.24 32.06 -47.83
C ASP A 1364 -7.51 32.88 -47.59
N LYS A 1365 -8.42 32.37 -46.78
CA LYS A 1365 -9.65 33.10 -46.47
C LYS A 1365 -9.41 34.04 -45.30
N ALA A 1366 -10.20 35.12 -45.28
CA ALA A 1366 -10.16 36.09 -44.21
C ALA A 1366 -10.96 35.56 -43.02
N ASP A 1367 -11.27 36.44 -42.07
CA ASP A 1367 -12.06 36.10 -40.89
C ASP A 1367 -11.36 35.07 -40.00
N LYS A 1368 -10.04 35.01 -40.04
CA LYS A 1368 -9.29 34.12 -39.14
C LYS A 1368 -7.86 34.63 -39.03
N THR A 1369 -7.50 35.12 -37.85
CA THR A 1369 -6.12 35.48 -37.54
C THR A 1369 -5.44 34.29 -36.88
N ILE A 1370 -4.28 33.91 -37.42
CA ILE A 1370 -3.60 32.68 -37.04
C ILE A 1370 -2.22 33.04 -36.50
N ILE A 1371 -1.79 32.31 -35.47
CA ILE A 1371 -0.45 32.41 -34.92
C ILE A 1371 0.09 30.99 -34.78
N THR A 1372 1.36 30.81 -35.15
CA THR A 1372 1.95 29.48 -35.27
C THR A 1372 3.34 29.48 -34.67
N ILE A 1373 3.77 28.27 -34.29
CA ILE A 1373 5.13 28.02 -33.80
C ILE A 1373 5.63 26.81 -34.58
N ALA A 1374 6.32 27.05 -35.68
CA ALA A 1374 6.77 26.00 -36.57
C ALA A 1374 8.26 25.73 -36.40
N HIS A 1375 8.72 24.63 -37.00
CA HIS A 1375 10.12 24.22 -36.96
C HIS A 1375 10.58 23.79 -38.35
N ARG A 1376 10.01 24.35 -39.40
CA ARG A 1376 10.39 24.04 -40.77
C ARG A 1376 10.16 25.25 -41.64
N ILE A 1377 11.16 25.58 -42.48
CA ILE A 1377 11.02 26.68 -43.43
C ILE A 1377 9.85 26.46 -44.39
N ALA A 1378 9.46 25.19 -44.59
CA ALA A 1378 8.38 24.87 -45.52
C ALA A 1378 7.09 25.63 -45.21
N SER A 1379 6.83 25.89 -43.93
CA SER A 1379 5.68 26.69 -43.52
C SER A 1379 6.05 28.15 -43.25
N ILE A 1380 7.29 28.41 -42.82
CA ILE A 1380 7.71 29.78 -42.53
C ILE A 1380 7.76 30.63 -43.79
N LYS A 1381 7.91 30.01 -44.97
CA LYS A 1381 8.01 30.80 -46.21
C LYS A 1381 6.77 31.67 -46.42
N ARG A 1382 5.60 31.19 -46.02
CA ARG A 1382 4.37 31.95 -46.14
C ARG A 1382 4.19 32.97 -45.03
N SER A 1383 5.12 33.06 -44.09
CA SER A 1383 4.98 33.99 -42.98
C SER A 1383 5.05 35.42 -43.47
N ASP A 1384 4.17 36.26 -42.95
CA ASP A 1384 4.13 37.67 -43.30
C ASP A 1384 5.02 38.52 -42.40
N LYS A 1385 5.18 38.11 -41.14
CA LYS A 1385 6.12 38.73 -40.23
C LYS A 1385 6.65 37.65 -39.31
N ILE A 1386 7.97 37.61 -39.12
CA ILE A 1386 8.64 36.58 -38.36
C ILE A 1386 9.31 37.26 -37.17
N VAL A 1387 8.66 37.21 -36.02
CA VAL A 1387 9.22 37.73 -34.78
C VAL A 1387 10.12 36.67 -34.18
N VAL A 1388 11.15 37.11 -33.47
CA VAL A 1388 12.20 36.22 -32.95
C VAL A 1388 12.45 36.56 -31.49
N PHE A 1389 12.71 35.52 -30.70
CA PHE A 1389 13.12 35.65 -29.31
C PHE A 1389 14.54 35.11 -29.16
N ASN A 1390 15.35 35.84 -28.39
CA ASN A 1390 16.73 35.46 -28.12
C ASN A 1390 16.97 35.38 -26.62
N ASN A 1391 18.08 34.74 -26.26
CA ASN A 1391 18.48 34.54 -24.86
C ASN A 1391 19.96 34.85 -24.76
N PRO A 1392 20.35 36.13 -24.69
CA PRO A 1392 21.78 36.45 -24.56
C PRO A 1392 22.41 35.86 -23.30
N ASP A 1393 21.83 36.15 -22.13
CA ASP A 1393 22.18 35.50 -20.88
C ASP A 1393 20.91 35.02 -20.21
N ARG A 1394 21.05 34.00 -19.38
CA ARG A 1394 19.88 33.28 -18.86
C ARG A 1394 19.12 34.12 -17.85
N ASN A 1395 18.49 35.21 -18.32
CA ASN A 1395 17.66 36.05 -17.48
C ASN A 1395 16.42 36.57 -18.18
N GLY A 1396 16.07 36.04 -19.35
CA GLY A 1396 14.84 36.42 -20.02
C GLY A 1396 15.00 36.40 -21.51
N THR A 1397 13.94 36.88 -22.18
CA THR A 1397 13.87 36.96 -23.62
C THR A 1397 13.33 38.33 -24.02
N PHE A 1398 13.54 38.68 -25.29
CA PHE A 1398 13.06 39.94 -25.81
C PHE A 1398 13.12 39.89 -27.33
N VAL A 1399 12.28 40.71 -27.97
CA VAL A 1399 12.24 40.75 -29.41
C VAL A 1399 13.52 41.39 -29.95
N GLN A 1400 14.08 40.79 -30.99
CA GLN A 1400 15.29 41.28 -31.64
C GLN A 1400 15.12 41.49 -33.13
N SER A 1401 14.38 40.61 -33.81
CA SER A 1401 14.19 40.66 -35.25
C SER A 1401 12.72 40.83 -35.59
N HIS A 1402 12.46 41.44 -36.74
CA HIS A 1402 11.10 41.63 -37.22
C HIS A 1402 11.11 42.03 -38.69
N GLY A 1403 10.31 41.34 -39.51
CA GLY A 1403 10.13 41.72 -40.89
C GLY A 1403 11.03 41.06 -41.89
N THR A 1404 11.54 39.86 -41.59
CA THR A 1404 12.30 39.12 -42.60
C THR A 1404 11.40 38.69 -43.75
N HIS A 1405 10.20 38.19 -43.43
CA HIS A 1405 9.18 37.70 -44.36
C HIS A 1405 9.76 36.91 -45.53
N ASP A 1406 10.76 36.07 -45.24
CA ASP A 1406 11.33 35.12 -46.21
C ASP A 1406 12.14 35.80 -47.31
N GLU A 1407 12.28 37.12 -47.27
CA GLU A 1407 13.06 37.86 -48.27
C GLU A 1407 14.38 38.36 -47.69
N LEU A 1408 14.31 39.13 -46.60
CA LEU A 1408 15.50 39.62 -45.90
C LEU A 1408 15.80 38.64 -44.79
N LEU A 1409 16.60 37.62 -45.10
CA LEU A 1409 16.91 36.59 -44.11
C LEU A 1409 17.97 37.08 -43.13
N SER A 1410 19.00 37.75 -43.64
CA SER A 1410 19.98 38.40 -42.78
C SER A 1410 20.61 39.56 -43.56
N ALA A 1411 20.07 40.76 -43.37
CA ALA A 1411 20.80 41.96 -43.70
C ALA A 1411 21.75 42.35 -42.57
N GLN A 1412 21.40 41.95 -41.34
CA GLN A 1412 22.28 42.05 -40.18
C GLN A 1412 22.29 40.70 -39.48
N ASP A 1413 22.88 40.64 -38.28
CA ASP A 1413 22.94 39.37 -37.55
C ASP A 1413 21.53 38.90 -37.19
N GLY A 1414 21.38 37.58 -37.09
CA GLY A 1414 20.11 37.00 -36.74
C GLY A 1414 20.23 35.49 -36.64
N ILE A 1415 19.14 34.88 -36.19
CA ILE A 1415 19.05 33.42 -36.09
C ILE A 1415 18.24 32.83 -37.23
N TYR A 1416 17.43 33.63 -37.93
CA TYR A 1416 16.71 33.14 -39.10
C TYR A 1416 17.65 32.55 -40.14
N LYS A 1417 18.82 33.18 -40.32
CA LYS A 1417 19.84 32.59 -41.20
C LYS A 1417 20.23 31.20 -40.73
N LYS A 1418 20.38 31.02 -39.42
CA LYS A 1418 20.71 29.71 -38.88
C LYS A 1418 19.60 28.70 -39.15
N TYR A 1419 18.36 29.12 -38.97
CA TYR A 1419 17.23 28.20 -39.13
C TYR A 1419 16.79 28.05 -40.59
N VAL A 1420 17.46 28.70 -41.53
CA VAL A 1420 17.31 28.32 -42.94
C VAL A 1420 18.48 27.46 -43.40
N LYS A 1421 19.71 27.74 -42.92
CA LYS A 1421 20.85 26.94 -43.37
C LYS A 1421 20.94 25.60 -42.66
N LEU A 1422 20.38 25.48 -41.46
CA LEU A 1422 20.26 24.18 -40.81
C LEU A 1422 19.08 23.38 -41.35
N ALA A 1423 17.96 24.05 -41.64
CA ALA A 1423 16.77 23.36 -42.14
C ALA A 1423 17.02 22.77 -43.53
FAE YMZ B . -17.04 -14.87 31.13
CAZ YMZ B . -17.95 -15.70 30.51
FAF YMZ B . -18.61 -16.41 31.46
FAG YMZ B . -17.27 -16.55 29.69
CAT YMZ B . -18.95 -14.88 29.69
CAI YMZ B . -18.84 -13.52 29.64
CAH YMZ B . -19.75 -12.77 28.90
CAJ YMZ B . -20.77 -13.42 28.20
CAU YMZ B . -20.89 -14.79 28.21
CAV YMZ B . -19.97 -15.53 28.96
NAP YMZ B . -20.07 -16.88 29.02
CAR YMZ B . -21.05 -17.54 28.32
CAY YMZ B . -21.16 -19.07 28.38
FAC YMZ B . -21.01 -19.57 27.12
FAD YMZ B . -20.18 -19.56 29.20
FAB YMZ B . -22.38 -19.42 28.86
CAK YMZ B . -21.97 -16.81 27.58
CAS YMZ B . -21.91 -15.45 27.51
CAW YMZ B . -23.00 -14.79 26.62
OAA YMZ B . -23.47 -13.58 27.13
CAX YMZ B . -22.55 -14.61 25.17
CAO YMZ B . -21.13 -14.03 24.98
CAM YMZ B . -20.81 -13.90 23.50
CAL YMZ B . -21.91 -13.07 22.82
CAN YMZ B . -23.29 -13.64 23.15
NAQ YMZ B . -23.48 -13.71 24.56
#